data_6GCP
#
_entry.id   6GCP
#
_cell.length_a   74.869
_cell.length_b   90.373
_cell.length_c   82.933
_cell.angle_alpha   90.00
_cell.angle_beta   115.68
_cell.angle_gamma   90.00
#
_symmetry.space_group_name_H-M   'P 1 21 1'
#
loop_
_entity.id
_entity.type
_entity.pdbx_description
1 polymer 'Pteridine reductase'
2 non-polymer 'NADP NICOTINAMIDE-ADENINE-DINUCLEOTIDE PHOSPHATE'
3 non-polymer 6-[(3,4-dichlorophenyl)methylsulfanyl]-1,3-benzothiazol-2-amine
4 non-polymer GLYCEROL
5 non-polymer 'ACETATE ION'
6 water water
#
_entity_poly.entity_id   1
_entity_poly.type   'polypeptide(L)'
_entity_poly.pdbx_seq_one_letter_code
;MGSSHHHHHHSSGLVPRGSHMEAPAAVVTGAAKRIGRAIAVKLHQTGYRVVIHYHNSAEAAVSLADELNKERSNTAVVCQ
ADLTNSNVLPASCEEIINSCFRAFGRCDVLVNNASAFYPTPLVQGDHEDNSNGKTVETQVAELIGTNAIAPFLLTMSFAQ
RQKGTNPNCTSSNLSIVNLCDAMVDQPCMAFSLYNMGKHALVGLTQSAALELAPYGIRVNGVAPGVSLLPVAMGEEEKDK
WRRKVPLGRREASAEQIADAVIFLVSGSAQYITGSIIKVDGGLSLVHA
;
_entity_poly.pdbx_strand_id   A,B,C,D
#
loop_
_chem_comp.id
_chem_comp.type
_chem_comp.name
_chem_comp.formula
ACT non-polymer 'ACETATE ION' 'C2 H3 O2 -1'
EUK non-polymer 6-[(3,4-dichlorophenyl)methylsulfanyl]-1,3-benzothiazol-2-amine 'C14 H10 Cl2 N2 S2'
GOL non-polymer GLYCEROL 'C3 H8 O3'
NAP non-polymer 'NADP NICOTINAMIDE-ADENINE-DINUCLEOTIDE PHOSPHATE' 'C21 H28 N7 O17 P3'
#
# COMPACT_ATOMS: atom_id res chain seq x y z
N GLU A 22 13.28 -6.63 -38.61
CA GLU A 22 14.45 -5.87 -38.07
C GLU A 22 14.50 -6.03 -36.54
N ALA A 23 15.62 -5.62 -35.94
CA ALA A 23 15.79 -5.72 -34.51
C ALA A 23 15.02 -4.55 -33.86
N PRO A 24 14.44 -4.79 -32.70
CA PRO A 24 13.85 -3.66 -32.00
C PRO A 24 14.92 -2.71 -31.43
N ALA A 25 14.45 -1.53 -30.96
CA ALA A 25 15.34 -0.49 -30.48
C ALA A 25 14.85 0.05 -29.13
N ALA A 26 15.80 0.41 -28.30
CA ALA A 26 15.46 0.92 -26.95
C ALA A 26 16.25 2.20 -26.66
N VAL A 27 15.60 3.11 -25.91
CA VAL A 27 16.33 4.22 -25.29
C VAL A 27 16.54 3.89 -23.80
N VAL A 28 17.76 4.05 -23.29
CA VAL A 28 18.04 3.98 -21.84
C VAL A 28 18.62 5.33 -21.38
N THR A 29 17.95 6.01 -20.44
CA THR A 29 18.51 7.28 -19.97
C THR A 29 19.57 7.01 -18.91
N GLY A 30 20.56 7.89 -18.83
CA GLY A 30 21.64 7.74 -17.88
C GLY A 30 22.36 6.41 -18.02
N ALA A 31 22.68 6.05 -19.26
CA ALA A 31 23.16 4.66 -19.58
C ALA A 31 24.69 4.56 -19.66
N ALA A 32 25.44 5.62 -19.35
CA ALA A 32 26.92 5.51 -19.54
C ALA A 32 27.55 4.60 -18.48
N LYS A 33 26.96 4.53 -17.29
CA LYS A 33 27.60 3.83 -16.19
C LYS A 33 26.53 3.11 -15.35
N ARG A 34 27.03 2.28 -14.46
CA ARG A 34 26.26 1.77 -13.33
C ARG A 34 25.05 0.99 -13.84
N ILE A 35 23.90 1.22 -13.21
CA ILE A 35 22.72 0.39 -13.56
C ILE A 35 22.26 0.66 -15.00
N GLY A 36 22.26 1.93 -15.46
CA GLY A 36 21.80 2.16 -16.82
C GLY A 36 22.68 1.48 -17.86
N ARG A 37 24.00 1.42 -17.61
CA ARG A 37 24.89 0.69 -18.54
C ARG A 37 24.52 -0.79 -18.50
N ALA A 38 24.27 -1.35 -17.31
CA ALA A 38 23.97 -2.78 -17.25
C ALA A 38 22.67 -3.11 -18.01
N ILE A 39 21.69 -2.21 -17.96
CA ILE A 39 20.43 -2.35 -18.68
C ILE A 39 20.69 -2.28 -20.19
N ALA A 40 21.44 -1.27 -20.63
CA ALA A 40 21.72 -1.16 -22.07
C ALA A 40 22.47 -2.38 -22.58
N VAL A 41 23.46 -2.86 -21.82
CA VAL A 41 24.24 -4.07 -22.21
C VAL A 41 23.31 -5.28 -22.33
N LYS A 42 22.45 -5.51 -21.33
CA LYS A 42 21.59 -6.67 -21.35
C LYS A 42 20.53 -6.56 -22.45
N LEU A 43 20.00 -5.38 -22.70
CA LEU A 43 19.10 -5.23 -23.85
C LEU A 43 19.89 -5.53 -25.15
N HIS A 44 21.12 -5.06 -25.23
CA HIS A 44 21.91 -5.25 -26.46
C HIS A 44 22.19 -6.75 -26.63
N GLN A 45 22.55 -7.43 -25.52
CA GLN A 45 22.78 -8.92 -25.56
C GLN A 45 21.49 -9.68 -25.98
N THR A 46 20.30 -9.17 -25.66
CA THR A 46 19.00 -9.74 -26.03
C THR A 46 18.66 -9.43 -27.50
N GLY A 47 19.41 -8.57 -28.20
CA GLY A 47 19.15 -8.30 -29.62
C GLY A 47 18.63 -6.89 -29.93
N TYR A 48 18.57 -6.02 -28.90
CA TYR A 48 18.12 -4.64 -29.16
C TYR A 48 19.29 -3.81 -29.70
N ARG A 49 18.92 -2.83 -30.52
CA ARG A 49 19.70 -1.64 -30.82
C ARG A 49 19.39 -0.61 -29.72
N VAL A 50 20.39 0.13 -29.27
CA VAL A 50 20.24 0.99 -28.05
C VAL A 50 20.70 2.43 -28.32
N VAL A 51 19.94 3.39 -27.75
CA VAL A 51 20.42 4.75 -27.58
C VAL A 51 20.93 4.89 -26.15
N ILE A 52 22.19 5.26 -26.01
CA ILE A 52 22.81 5.44 -24.73
C ILE A 52 22.72 6.94 -24.41
N HIS A 53 21.68 7.33 -23.68
CA HIS A 53 21.60 8.74 -23.22
C HIS A 53 22.64 8.98 -22.12
N TYR A 54 23.20 10.21 -22.12
CA TYR A 54 24.07 10.61 -21.03
C TYR A 54 23.99 12.14 -20.86
N HIS A 55 24.48 12.61 -19.73
CA HIS A 55 24.49 14.05 -19.45
C HIS A 55 25.96 14.51 -19.44
N ASN A 56 26.70 14.17 -18.38
CA ASN A 56 28.10 14.61 -18.23
C ASN A 56 29.08 13.50 -18.65
N SER A 57 28.65 12.25 -18.73
CA SER A 57 29.61 11.12 -18.86
C SER A 57 29.89 10.77 -20.33
N ALA A 58 30.47 11.71 -21.07
CA ALA A 58 30.64 11.57 -22.53
C ALA A 58 31.66 10.47 -22.84
N GLU A 59 32.77 10.47 -22.12
CA GLU A 59 33.84 9.48 -22.39
C GLU A 59 33.27 8.06 -22.19
N ALA A 60 32.59 7.87 -21.05
CA ALA A 60 32.04 6.55 -20.70
C ALA A 60 30.94 6.15 -21.69
N ALA A 61 30.08 7.11 -22.11
CA ALA A 61 29.00 6.80 -23.06
C ALA A 61 29.56 6.31 -24.40
N VAL A 62 30.54 7.05 -24.91
CA VAL A 62 31.09 6.75 -26.23
C VAL A 62 31.85 5.42 -26.14
N SER A 63 32.57 5.19 -25.03
CA SER A 63 33.28 3.96 -24.82
C SER A 63 32.33 2.74 -24.85
N LEU A 64 31.15 2.87 -24.19
CA LEU A 64 30.16 1.77 -24.20
C LEU A 64 29.60 1.56 -25.62
N ALA A 65 29.26 2.63 -26.35
CA ALA A 65 28.68 2.50 -27.68
C ALA A 65 29.69 1.81 -28.60
N ASP A 66 30.97 2.20 -28.48
CA ASP A 66 32.08 1.55 -29.21
C ASP A 66 32.14 0.04 -28.91
N GLU A 67 32.16 -0.36 -27.63
CA GLU A 67 32.09 -1.80 -27.29
C GLU A 67 30.89 -2.47 -27.96
N LEU A 68 29.70 -1.87 -27.91
CA LEU A 68 28.50 -2.56 -28.46
C LEU A 68 28.57 -2.62 -29.98
N ASN A 69 29.11 -1.57 -30.61
CA ASN A 69 29.21 -1.53 -32.09
C ASN A 69 30.24 -2.57 -32.59
N LYS A 70 31.29 -2.78 -31.83
CA LYS A 70 32.30 -3.82 -32.17
C LYS A 70 31.63 -5.19 -32.13
N GLU A 71 30.75 -5.39 -31.17
CA GLU A 71 30.01 -6.64 -31.07
C GLU A 71 29.06 -6.80 -32.27
N ARG A 72 28.27 -5.79 -32.60
CA ARG A 72 27.40 -5.84 -33.81
C ARG A 72 27.38 -4.41 -34.38
N SER A 73 27.85 -4.20 -35.60
CA SER A 73 27.94 -2.81 -36.11
C SER A 73 26.57 -2.13 -36.24
N ASN A 74 26.60 -0.82 -36.02
CA ASN A 74 25.43 0.07 -36.19
C ASN A 74 24.31 -0.32 -35.21
N THR A 75 24.66 -0.76 -34.01
CA THR A 75 23.53 -1.15 -33.11
C THR A 75 23.51 -0.25 -31.84
N ALA A 76 24.37 0.74 -31.76
CA ALA A 76 24.39 1.62 -30.61
C ALA A 76 24.75 3.06 -31.04
N VAL A 77 23.99 4.04 -30.53
CA VAL A 77 24.36 5.48 -30.64
C VAL A 77 24.31 6.15 -29.26
N VAL A 78 24.98 7.29 -29.11
CA VAL A 78 24.85 8.07 -27.87
C VAL A 78 23.93 9.28 -28.12
N CYS A 79 23.36 9.83 -27.03
CA CYS A 79 22.54 11.05 -27.16
C CYS A 79 22.71 11.88 -25.88
N GLN A 80 23.21 13.13 -25.99
CA GLN A 80 23.47 13.92 -24.81
C GLN A 80 22.23 14.77 -24.50
N ALA A 81 21.88 14.85 -23.21
CA ALA A 81 20.81 15.79 -22.75
C ALA A 81 20.86 15.98 -21.23
N ASP A 82 20.56 17.20 -20.80
CA ASP A 82 20.46 17.53 -19.39
C ASP A 82 18.96 17.39 -19.09
N LEU A 83 18.60 16.49 -18.16
CA LEU A 83 17.20 16.22 -17.84
C LEU A 83 16.70 17.02 -16.63
N THR A 84 17.43 18.05 -16.19
CA THR A 84 16.94 19.03 -15.24
C THR A 84 15.67 19.68 -15.83
N ASN A 85 14.66 19.97 -15.01
CA ASN A 85 13.44 20.63 -15.54
C ASN A 85 13.78 22.08 -15.95
N SER A 86 13.20 22.50 -17.07
CA SER A 86 13.31 23.89 -17.58
C SER A 86 12.26 24.03 -18.67
N ASN A 87 12.12 25.24 -19.25
CA ASN A 87 11.14 25.37 -20.34
C ASN A 87 11.62 24.65 -21.63
N VAL A 88 12.89 24.24 -21.72
CA VAL A 88 13.33 23.46 -22.90
C VAL A 88 13.41 21.94 -22.61
N LEU A 89 13.12 21.53 -21.38
CA LEU A 89 13.15 20.05 -21.16
C LEU A 89 12.20 19.33 -22.16
N PRO A 90 10.99 19.85 -22.47
CA PRO A 90 10.19 19.10 -23.43
C PRO A 90 10.89 18.85 -24.78
N ALA A 91 11.55 19.88 -25.29
CA ALA A 91 12.27 19.69 -26.56
C ALA A 91 13.42 18.67 -26.41
N SER A 92 14.15 18.66 -25.29
CA SER A 92 15.26 17.73 -25.04
C SER A 92 14.72 16.29 -25.02
N CYS A 93 13.59 16.12 -24.34
CA CYS A 93 12.96 14.77 -24.28
C CYS A 93 12.51 14.32 -25.69
N GLU A 94 11.84 15.21 -26.43
CA GLU A 94 11.44 14.94 -27.81
C GLU A 94 12.67 14.51 -28.63
N GLU A 95 13.82 15.18 -28.39
CA GLU A 95 15.00 14.92 -29.19
C GLU A 95 15.62 13.55 -28.84
N ILE A 96 15.59 13.13 -27.55
CA ILE A 96 16.07 11.77 -27.20
C ILE A 96 15.26 10.73 -27.96
N ILE A 97 13.93 10.86 -28.02
CA ILE A 97 13.13 9.85 -28.73
C ILE A 97 13.40 9.95 -30.22
N ASN A 98 13.50 11.20 -30.71
CA ASN A 98 13.82 11.37 -32.15
C ASN A 98 15.17 10.72 -32.48
N SER A 99 16.17 10.74 -31.58
CA SER A 99 17.47 10.15 -31.86
CA SER A 99 17.47 10.15 -31.86
C SER A 99 17.32 8.65 -32.15
N CYS A 100 16.39 7.98 -31.46
CA CYS A 100 16.20 6.58 -31.64
C CYS A 100 15.57 6.34 -33.03
N PHE A 101 14.55 7.11 -33.41
CA PHE A 101 13.93 6.97 -34.74
C PHE A 101 14.93 7.33 -35.86
N ARG A 102 15.82 8.30 -35.65
N ARG A 102 15.77 8.34 -35.65
CA ARG A 102 16.83 8.72 -36.67
CA ARG A 102 16.83 8.75 -36.59
C ARG A 102 17.92 7.66 -36.86
C ARG A 102 17.75 7.55 -36.87
N ALA A 103 18.31 6.97 -35.79
CA ALA A 103 19.33 5.94 -35.89
C ALA A 103 18.76 4.61 -36.38
N PHE A 104 17.57 4.22 -35.91
CA PHE A 104 17.12 2.80 -36.03
C PHE A 104 15.73 2.67 -36.68
N GLY A 105 14.99 3.76 -36.83
CA GLY A 105 13.72 3.78 -37.60
C GLY A 105 12.52 3.31 -36.79
N ARG A 106 12.73 3.15 -35.49
CA ARG A 106 11.66 2.65 -34.57
C ARG A 106 12.16 2.88 -33.14
N CYS A 107 11.22 2.78 -32.17
CA CYS A 107 11.62 2.90 -30.77
C CYS A 107 10.59 2.06 -29.99
N ASP A 108 11.07 0.90 -29.57
CA ASP A 108 10.18 -0.10 -28.96
C ASP A 108 10.06 -0.02 -27.45
N VAL A 109 11.18 0.40 -26.84
CA VAL A 109 11.33 0.37 -25.33
C VAL A 109 11.97 1.69 -24.89
N LEU A 110 11.44 2.25 -23.80
CA LEU A 110 11.99 3.40 -23.13
C LEU A 110 12.30 2.96 -21.69
N VAL A 111 13.51 3.14 -21.23
CA VAL A 111 13.87 2.85 -19.82
C VAL A 111 14.24 4.18 -19.17
N ASN A 112 13.46 4.58 -18.14
CA ASN A 112 13.73 5.86 -17.45
C ASN A 112 14.56 5.52 -16.22
N ASN A 113 15.86 5.61 -16.38
CA ASN A 113 16.86 5.21 -15.39
C ASN A 113 17.59 6.43 -14.80
N ALA A 114 17.79 7.52 -15.58
CA ALA A 114 18.60 8.65 -15.11
C ALA A 114 17.98 9.23 -13.83
N SER A 115 18.83 9.64 -12.89
CA SER A 115 18.30 10.10 -11.64
C SER A 115 19.31 11.00 -10.91
N ALA A 116 18.87 12.14 -10.39
CA ALA A 116 19.66 12.89 -9.39
C ALA A 116 19.29 12.40 -7.98
N PHE A 117 20.26 12.39 -7.06
CA PHE A 117 20.04 11.84 -5.71
C PHE A 117 20.99 12.56 -4.72
N TYR A 118 20.44 13.40 -3.85
CA TYR A 118 21.25 14.08 -2.80
C TYR A 118 20.23 14.64 -1.80
N PRO A 119 20.68 14.91 -0.58
CA PRO A 119 19.79 15.38 0.47
C PRO A 119 19.35 16.83 0.26
N THR A 120 18.14 17.14 0.74
CA THR A 120 17.54 18.47 0.71
C THR A 120 16.89 18.67 2.09
N PRO A 121 17.72 18.96 3.12
CA PRO A 121 17.14 19.05 4.47
C PRO A 121 16.06 20.15 4.59
N LEU A 122 14.99 19.88 5.32
CA LEU A 122 13.91 20.88 5.51
C LEU A 122 14.33 21.99 6.49
N VAL A 123 15.19 21.66 7.46
CA VAL A 123 15.60 22.72 8.43
C VAL A 123 17.11 22.91 8.29
N GLN A 124 17.54 24.16 8.06
CA GLN A 124 18.95 24.50 7.67
C GLN A 124 19.74 25.06 8.86
N GLY A 133 25.82 24.24 -2.76
CA GLY A 133 25.59 25.67 -2.95
C GLY A 133 24.44 25.98 -3.89
N LYS A 134 23.58 24.98 -4.19
CA LYS A 134 22.47 25.17 -5.14
C LYS A 134 21.29 25.88 -4.47
N THR A 135 20.58 26.68 -5.24
CA THR A 135 19.36 27.29 -4.75
C THR A 135 18.31 26.18 -4.62
N VAL A 136 17.28 26.43 -3.83
CA VAL A 136 16.20 25.42 -3.67
C VAL A 136 15.51 25.20 -5.03
N GLU A 137 15.34 26.27 -5.83
CA GLU A 137 14.66 26.08 -7.09
C GLU A 137 15.51 25.21 -8.03
N THR A 138 16.84 25.28 -7.95
CA THR A 138 17.69 24.35 -8.73
C THR A 138 17.51 22.90 -8.21
N GLN A 139 17.47 22.75 -6.89
CA GLN A 139 17.27 21.39 -6.32
C GLN A 139 15.93 20.81 -6.81
N VAL A 140 14.87 21.61 -6.76
CA VAL A 140 13.59 21.13 -7.31
C VAL A 140 13.73 20.75 -8.79
N ALA A 141 14.39 21.60 -9.59
CA ALA A 141 14.45 21.33 -11.00
C ALA A 141 15.23 20.03 -11.27
N GLU A 142 16.31 19.78 -10.51
CA GLU A 142 17.13 18.58 -10.74
C GLU A 142 16.42 17.35 -10.18
N LEU A 143 15.94 17.40 -8.91
CA LEU A 143 15.49 16.14 -8.27
C LEU A 143 14.09 15.80 -8.80
N ILE A 144 13.20 16.76 -8.97
CA ILE A 144 11.89 16.45 -9.53
C ILE A 144 11.99 16.34 -11.07
N GLY A 145 12.85 17.15 -11.72
CA GLY A 145 12.97 17.05 -13.19
C GLY A 145 13.49 15.68 -13.62
N THR A 146 14.60 15.26 -13.08
CA THR A 146 15.20 14.03 -13.58
C THR A 146 14.37 12.82 -13.15
N ASN A 147 13.85 12.84 -11.90
CA ASN A 147 13.20 11.63 -11.41
C ASN A 147 11.74 11.52 -11.87
N ALA A 148 11.14 12.62 -12.29
CA ALA A 148 9.67 12.57 -12.56
C ALA A 148 9.26 13.33 -13.83
N ILE A 149 9.67 14.60 -14.02
CA ILE A 149 9.13 15.32 -15.15
CA ILE A 149 9.17 15.36 -15.15
C ILE A 149 9.73 14.81 -16.47
N ALA A 150 11.02 14.54 -16.49
CA ALA A 150 11.67 13.99 -17.74
C ALA A 150 11.04 12.63 -18.07
N PRO A 151 10.82 11.74 -17.07
CA PRO A 151 10.15 10.51 -17.45
C PRO A 151 8.76 10.78 -18.04
N PHE A 152 8.05 11.79 -17.50
CA PHE A 152 6.72 12.10 -18.05
C PHE A 152 6.84 12.61 -19.48
N LEU A 153 7.80 13.53 -19.73
CA LEU A 153 7.88 14.09 -21.08
C LEU A 153 8.39 13.04 -22.10
N LEU A 154 9.33 12.21 -21.65
CA LEU A 154 9.78 11.10 -22.52
C LEU A 154 8.62 10.16 -22.84
N THR A 155 7.76 9.91 -21.84
CA THR A 155 6.60 9.05 -22.02
C THR A 155 5.67 9.66 -23.06
N MET A 156 5.40 10.95 -22.95
CA MET A 156 4.56 11.66 -23.97
C MET A 156 5.21 11.52 -25.37
N SER A 157 6.52 11.80 -25.49
CA SER A 157 7.20 11.78 -26.82
C SER A 157 7.21 10.36 -27.40
N PHE A 158 7.46 9.37 -26.51
CA PHE A 158 7.52 7.96 -26.95
C PHE A 158 6.15 7.56 -27.51
N ALA A 159 5.07 7.90 -26.78
CA ALA A 159 3.73 7.52 -27.18
C ALA A 159 3.30 8.27 -28.45
N GLN A 160 3.67 9.55 -28.55
CA GLN A 160 3.13 10.30 -29.68
CA GLN A 160 3.26 10.44 -29.67
C GLN A 160 3.82 9.86 -30.98
N ARG A 161 5.07 9.43 -30.90
CA ARG A 161 5.84 8.96 -32.10
C ARG A 161 5.50 7.52 -32.50
N GLN A 162 4.50 6.86 -31.93
CA GLN A 162 4.21 5.49 -32.37
C GLN A 162 3.37 5.54 -33.66
N LYS A 163 3.51 4.52 -34.53
CA LYS A 163 2.81 4.45 -35.82
C LYS A 163 1.41 3.85 -35.60
N SER A 172 5.12 -6.72 -32.53
CA SER A 172 5.66 -5.58 -31.74
C SER A 172 5.24 -5.67 -30.26
N ASN A 173 6.15 -5.22 -29.43
CA ASN A 173 5.95 -5.36 -27.97
C ASN A 173 6.52 -4.09 -27.35
N LEU A 174 5.69 -3.06 -27.33
CA LEU A 174 6.13 -1.70 -26.88
C LEU A 174 5.97 -1.57 -25.35
N SER A 175 7.04 -1.12 -24.69
CA SER A 175 6.81 -0.86 -23.22
C SER A 175 7.82 0.18 -22.70
N ILE A 176 7.46 0.69 -21.53
CA ILE A 176 8.27 1.63 -20.77
C ILE A 176 8.55 0.97 -19.42
N VAL A 177 9.80 1.12 -18.95
CA VAL A 177 10.18 0.67 -17.61
C VAL A 177 10.80 1.85 -16.86
N ASN A 178 10.22 2.14 -15.67
CA ASN A 178 10.67 3.28 -14.83
C ASN A 178 11.49 2.72 -13.67
N LEU A 179 12.66 3.29 -13.38
CA LEU A 179 13.47 2.83 -12.26
C LEU A 179 13.01 3.60 -11.03
N CYS A 180 12.37 2.83 -10.15
CA CYS A 180 11.67 3.38 -8.99
C CYS A 180 12.56 3.14 -7.74
N ASP A 181 12.00 3.08 -6.53
CA ASP A 181 12.86 2.94 -5.36
C ASP A 181 12.00 2.10 -4.35
N ALA A 182 12.50 0.93 -3.95
CA ALA A 182 11.76 0.04 -3.03
C ALA A 182 11.53 0.70 -1.67
N MET A 183 12.34 1.69 -1.31
CA MET A 183 12.28 2.28 0.02
C MET A 183 11.49 3.60 0.00
N VAL A 184 10.63 3.82 -1.01
CA VAL A 184 9.90 5.13 -1.07
C VAL A 184 8.98 5.36 0.13
N ASP A 185 8.49 4.31 0.76
CA ASP A 185 7.67 4.50 1.97
C ASP A 185 8.43 4.44 3.30
N GLN A 186 9.74 4.19 3.27
CA GLN A 186 10.59 4.22 4.45
C GLN A 186 11.84 5.04 4.07
N PRO A 187 11.63 6.33 3.82
CA PRO A 187 12.67 7.12 3.16
C PRO A 187 13.89 7.45 4.03
N CYS A 188 15.02 7.77 3.36
CA CYS A 188 16.21 8.29 4.04
C CYS A 188 15.91 9.69 4.61
N MET A 189 16.40 9.90 5.83
CA MET A 189 16.25 11.17 6.52
C MET A 189 16.85 12.29 5.66
N ALA A 190 16.12 13.40 5.51
CA ALA A 190 16.52 14.63 4.79
C ALA A 190 16.56 14.49 3.26
N PHE A 191 15.90 13.49 2.69
CA PHE A 191 15.80 13.34 1.24
C PHE A 191 14.36 13.62 0.74
N SER A 192 13.68 14.67 1.21
N SER A 192 13.71 14.68 1.24
CA SER A 192 12.24 14.83 0.87
CA SER A 192 12.29 14.97 0.90
C SER A 192 12.06 15.07 -0.64
C SER A 192 12.09 15.07 -0.61
N LEU A 193 12.91 15.90 -1.27
CA LEU A 193 12.66 16.16 -2.71
C LEU A 193 12.91 14.90 -3.55
N TYR A 194 13.98 14.19 -3.27
CA TYR A 194 14.23 12.94 -3.99
C TYR A 194 13.03 11.99 -3.78
N ASN A 195 12.55 11.89 -2.56
CA ASN A 195 11.43 10.94 -2.26
C ASN A 195 10.15 11.40 -2.98
N MET A 196 9.92 12.74 -2.97
CA MET A 196 8.78 13.26 -3.73
C MET A 196 8.87 12.83 -5.20
N GLY A 197 10.02 13.04 -5.81
CA GLY A 197 10.16 12.67 -7.24
C GLY A 197 9.97 11.17 -7.48
N LYS A 198 10.44 10.32 -6.58
CA LYS A 198 10.23 8.86 -6.81
C LYS A 198 8.77 8.46 -6.55
N HIS A 199 8.07 9.14 -5.62
CA HIS A 199 6.59 8.90 -5.48
C HIS A 199 5.88 9.37 -6.74
N ALA A 200 6.30 10.52 -7.28
CA ALA A 200 5.62 10.99 -8.50
C ALA A 200 5.86 10.00 -9.62
N LEU A 201 7.02 9.35 -9.62
CA LEU A 201 7.31 8.36 -10.72
C LEU A 201 6.40 7.12 -10.56
N VAL A 202 6.05 6.77 -9.31
CA VAL A 202 5.02 5.69 -9.11
C VAL A 202 3.69 6.13 -9.72
N GLY A 203 3.27 7.38 -9.42
CA GLY A 203 2.05 7.89 -10.04
C GLY A 203 2.09 7.87 -11.56
N LEU A 204 3.21 8.33 -12.16
CA LEU A 204 3.30 8.29 -13.62
C LEU A 204 3.18 6.84 -14.12
N THR A 205 3.86 5.91 -13.45
CA THR A 205 3.82 4.51 -13.89
C THR A 205 2.36 4.03 -13.99
N GLN A 206 1.59 4.31 -12.93
CA GLN A 206 0.20 3.87 -12.86
C GLN A 206 -0.68 4.63 -13.86
N SER A 207 -0.62 5.98 -13.86
CA SER A 207 -1.41 6.77 -14.78
C SER A 207 -1.09 6.46 -16.24
N ALA A 208 0.19 6.33 -16.59
CA ALA A 208 0.56 6.06 -18.00
C ALA A 208 0.18 4.62 -18.36
N ALA A 209 0.28 3.66 -17.39
CA ALA A 209 -0.14 2.29 -17.75
C ALA A 209 -1.63 2.33 -18.14
N LEU A 210 -2.44 3.01 -17.34
CA LEU A 210 -3.86 3.12 -17.61
C LEU A 210 -4.13 3.75 -18.99
N GLU A 211 -3.52 4.88 -19.25
CA GLU A 211 -3.83 5.73 -20.42
C GLU A 211 -3.26 5.11 -21.72
N LEU A 212 -2.12 4.44 -21.65
CA LEU A 212 -1.44 3.92 -22.87
C LEU A 212 -1.80 2.48 -23.15
N ALA A 213 -2.50 1.83 -22.24
CA ALA A 213 -2.94 0.44 -22.49
C ALA A 213 -3.70 0.31 -23.84
N PRO A 214 -4.63 1.24 -24.16
CA PRO A 214 -5.32 1.18 -25.48
C PRO A 214 -4.37 1.20 -26.69
N TYR A 215 -3.17 1.76 -26.58
CA TYR A 215 -2.17 1.79 -27.65
C TYR A 215 -1.24 0.57 -27.62
N GLY A 216 -1.48 -0.38 -26.70
CA GLY A 216 -0.60 -1.51 -26.59
C GLY A 216 0.75 -1.20 -25.94
N ILE A 217 0.91 -0.04 -25.29
CA ILE A 217 2.19 0.28 -24.63
C ILE A 217 2.00 -0.10 -23.16
N ARG A 218 2.82 -1.04 -22.69
CA ARG A 218 2.79 -1.40 -21.23
C ARG A 218 3.75 -0.46 -20.47
N VAL A 219 3.43 -0.15 -19.21
CA VAL A 219 4.28 0.74 -18.43
C VAL A 219 4.46 0.12 -17.04
N ASN A 220 5.71 -0.19 -16.67
CA ASN A 220 5.95 -0.91 -15.43
C ASN A 220 7.17 -0.29 -14.77
N GLY A 221 7.44 -0.73 -13.55
CA GLY A 221 8.59 -0.22 -12.80
C GLY A 221 9.44 -1.34 -12.23
N VAL A 222 10.74 -1.06 -12.02
CA VAL A 222 11.65 -1.87 -11.24
C VAL A 222 12.14 -1.03 -10.06
N ALA A 223 12.05 -1.60 -8.85
CA ALA A 223 12.30 -0.80 -7.63
C ALA A 223 13.49 -1.43 -6.86
N PRO A 224 14.73 -1.01 -7.13
CA PRO A 224 15.88 -1.50 -6.32
C PRO A 224 15.75 -1.06 -4.86
N GLY A 225 16.39 -1.84 -3.97
CA GLY A 225 16.57 -1.37 -2.59
C GLY A 225 17.96 -0.74 -2.48
N VAL A 226 18.92 -1.52 -2.05
CA VAL A 226 20.29 -1.06 -2.26
CA VAL A 226 20.34 -1.16 -2.14
C VAL A 226 20.96 -1.90 -3.33
N SER A 227 21.46 -1.19 -4.32
CA SER A 227 22.20 -1.83 -5.42
C SER A 227 23.58 -1.17 -5.37
N LEU A 228 24.13 -0.78 -6.50
CA LEU A 228 25.49 -0.17 -6.48
C LEU A 228 25.43 1.06 -5.59
N LEU A 229 26.25 1.03 -4.54
CA LEU A 229 26.28 2.15 -3.64
C LEU A 229 26.99 3.32 -4.34
N PRO A 230 26.65 4.53 -3.91
CA PRO A 230 27.24 5.75 -4.47
C PRO A 230 28.78 5.68 -4.35
N VAL A 231 29.46 6.16 -5.42
CA VAL A 231 30.93 6.13 -5.49
C VAL A 231 31.52 6.94 -4.32
N ALA A 232 30.85 8.01 -3.91
CA ALA A 232 31.35 8.86 -2.83
C ALA A 232 31.35 8.11 -1.49
N MET A 233 30.65 6.99 -1.39
CA MET A 233 30.42 6.38 -0.07
C MET A 233 31.66 5.56 0.38
N GLY A 234 32.05 5.68 1.66
CA GLY A 234 33.19 4.89 2.18
C GLY A 234 32.76 3.46 2.45
N GLU A 235 33.70 2.52 2.47
CA GLU A 235 33.39 1.09 2.67
C GLU A 235 32.60 0.85 3.97
N GLU A 236 32.98 1.53 5.06
CA GLU A 236 32.30 1.32 6.36
C GLU A 236 30.79 1.63 6.21
N GLU A 237 30.48 2.72 5.52
CA GLU A 237 29.08 3.16 5.33
C GLU A 237 28.38 2.15 4.40
N LYS A 238 29.07 1.72 3.33
CA LYS A 238 28.53 0.67 2.44
C LYS A 238 28.15 -0.57 3.26
N ASP A 239 29.02 -0.99 4.19
CA ASP A 239 28.77 -2.22 4.91
C ASP A 239 27.56 -2.07 5.86
N LYS A 240 27.33 -0.86 6.37
CA LYS A 240 26.15 -0.61 7.22
CA LYS A 240 26.16 -0.66 7.23
C LYS A 240 24.89 -0.97 6.42
N TRP A 241 24.83 -0.52 5.17
CA TRP A 241 23.66 -0.78 4.30
C TRP A 241 23.58 -2.27 3.95
N ARG A 242 24.73 -2.84 3.56
CA ARG A 242 24.78 -4.25 3.20
C ARG A 242 24.20 -5.14 4.31
N ARG A 243 24.57 -4.87 5.56
CA ARG A 243 24.18 -5.73 6.68
C ARG A 243 22.66 -5.67 6.95
N LYS A 244 21.98 -4.68 6.39
CA LYS A 244 20.49 -4.55 6.59
C LYS A 244 19.73 -5.57 5.69
N VAL A 245 20.36 -6.13 4.67
CA VAL A 245 19.63 -6.88 3.57
C VAL A 245 19.47 -8.32 4.02
N PRO A 246 18.22 -8.80 4.24
CA PRO A 246 18.01 -10.18 4.66
C PRO A 246 18.62 -11.20 3.70
N LEU A 247 18.42 -11.02 2.38
CA LEU A 247 18.85 -12.05 1.41
C LEU A 247 20.34 -11.82 1.04
N GLY A 248 21.24 -12.35 1.88
CA GLY A 248 22.67 -12.36 1.49
C GLY A 248 23.49 -11.24 2.13
N ARG A 249 22.86 -10.27 2.83
CA ARG A 249 23.60 -9.17 3.46
C ARG A 249 24.55 -8.52 2.44
N ARG A 250 24.03 -8.28 1.26
CA ARG A 250 24.79 -7.62 0.22
C ARG A 250 23.84 -6.84 -0.70
N GLU A 251 24.40 -5.84 -1.40
CA GLU A 251 23.63 -5.02 -2.38
C GLU A 251 23.35 -5.83 -3.65
N ALA A 252 22.28 -5.47 -4.38
CA ALA A 252 22.03 -6.02 -5.71
C ALA A 252 23.19 -5.66 -6.66
N SER A 253 23.58 -6.63 -7.48
CA SER A 253 24.47 -6.26 -8.61
C SER A 253 23.65 -5.48 -9.65
N ALA A 254 24.37 -4.70 -10.48
CA ALA A 254 23.67 -4.02 -11.55
C ALA A 254 22.96 -5.04 -12.46
N GLU A 255 23.58 -6.20 -12.68
CA GLU A 255 22.98 -7.15 -13.59
C GLU A 255 21.65 -7.70 -13.03
N GLN A 256 21.58 -7.85 -11.72
CA GLN A 256 20.31 -8.33 -11.10
C GLN A 256 19.17 -7.32 -11.32
N ILE A 257 19.47 -6.03 -11.21
CA ILE A 257 18.44 -5.02 -11.52
C ILE A 257 18.06 -5.14 -13.00
N ALA A 258 19.06 -5.23 -13.91
CA ALA A 258 18.81 -5.30 -15.35
C ALA A 258 17.97 -6.55 -15.70
N ASP A 259 18.16 -7.64 -14.95
CA ASP A 259 17.38 -8.88 -15.21
C ASP A 259 15.86 -8.63 -15.10
N ALA A 260 15.46 -7.79 -14.12
CA ALA A 260 14.01 -7.55 -13.94
C ALA A 260 13.50 -6.64 -15.07
N VAL A 261 14.35 -5.69 -15.53
CA VAL A 261 13.96 -4.84 -16.69
C VAL A 261 13.74 -5.73 -17.93
N ILE A 262 14.66 -6.65 -18.17
CA ILE A 262 14.64 -7.57 -19.33
C ILE A 262 13.35 -8.40 -19.25
N PHE A 263 13.01 -8.88 -18.05
CA PHE A 263 11.72 -9.63 -17.94
C PHE A 263 10.52 -8.75 -18.33
N LEU A 264 10.44 -7.51 -17.79
CA LEU A 264 9.25 -6.69 -18.07
C LEU A 264 9.16 -6.25 -19.55
N VAL A 265 10.28 -6.18 -20.27
CA VAL A 265 10.10 -5.78 -21.71
C VAL A 265 9.83 -7.02 -22.57
N SER A 266 10.07 -8.19 -22.00
CA SER A 266 10.01 -9.48 -22.74
C SER A 266 8.56 -9.90 -23.05
N GLY A 267 8.42 -10.91 -23.93
CA GLY A 267 7.09 -11.47 -24.23
C GLY A 267 6.54 -12.29 -23.04
N SER A 268 7.39 -12.56 -22.06
CA SER A 268 6.91 -13.28 -20.83
C SER A 268 6.17 -12.32 -19.89
N ALA A 269 6.12 -11.03 -20.25
CA ALA A 269 5.39 -10.01 -19.41
C ALA A 269 4.28 -9.32 -20.19
N GLN A 270 3.76 -9.96 -21.22
CA GLN A 270 2.85 -9.33 -22.16
C GLN A 270 1.51 -8.92 -21.55
N TYR A 271 1.11 -9.48 -20.38
CA TYR A 271 -0.14 -9.04 -19.77
C TYR A 271 0.17 -8.13 -18.57
N ILE A 272 1.45 -7.83 -18.29
CA ILE A 272 1.85 -7.01 -17.12
C ILE A 272 1.90 -5.53 -17.50
N THR A 273 1.09 -4.73 -16.80
CA THR A 273 1.17 -3.26 -16.97
C THR A 273 0.73 -2.65 -15.65
N GLY A 274 1.44 -1.57 -15.29
CA GLY A 274 1.15 -0.88 -14.02
C GLY A 274 1.80 -1.58 -12.82
N SER A 275 2.66 -2.56 -13.04
CA SER A 275 3.33 -3.31 -11.92
C SER A 275 4.72 -2.73 -11.62
N ILE A 276 5.03 -2.64 -10.33
CA ILE A 276 6.36 -2.27 -9.92
C ILE A 276 6.95 -3.47 -9.18
N ILE A 277 8.02 -4.02 -9.73
CA ILE A 277 8.67 -5.21 -9.14
C ILE A 277 9.82 -4.73 -8.22
N LYS A 278 9.73 -5.04 -6.92
CA LYS A 278 10.87 -4.75 -6.04
C LYS A 278 11.96 -5.76 -6.34
N VAL A 279 13.18 -5.26 -6.36
CA VAL A 279 14.40 -6.11 -6.45
C VAL A 279 15.31 -5.67 -5.30
N ASP A 280 14.97 -6.11 -4.09
CA ASP A 280 15.54 -5.49 -2.89
C ASP A 280 16.03 -6.47 -1.81
N GLY A 281 16.04 -7.77 -2.14
CA GLY A 281 16.57 -8.76 -1.20
C GLY A 281 15.84 -8.76 0.11
N GLY A 282 14.59 -8.24 0.13
CA GLY A 282 13.85 -8.22 1.39
C GLY A 282 14.00 -6.92 2.19
N LEU A 283 14.81 -5.96 1.73
CA LEU A 283 15.19 -4.79 2.59
C LEU A 283 13.93 -4.04 3.09
N SER A 284 12.98 -3.82 2.20
CA SER A 284 11.75 -3.03 2.53
C SER A 284 10.90 -3.77 3.55
N LEU A 285 11.13 -5.04 3.79
CA LEU A 285 10.33 -5.77 4.84
C LEU A 285 10.93 -5.61 6.23
N VAL A 286 12.12 -5.02 6.37
CA VAL A 286 12.83 -5.04 7.64
C VAL A 286 12.37 -3.86 8.52
N HIS A 287 11.83 -4.13 9.70
CA HIS A 287 11.50 -2.98 10.63
C HIS A 287 12.75 -2.26 11.20
N ALA A 288 12.51 -1.08 11.78
CA ALA A 288 13.56 -0.27 12.40
C ALA A 288 14.28 -1.04 13.52
N GLU B 22 21.66 -33.20 -11.13
CA GLU B 22 20.29 -33.73 -11.29
C GLU B 22 19.30 -32.56 -11.53
N ALA B 23 18.14 -32.88 -12.06
CA ALA B 23 17.11 -31.90 -12.35
C ALA B 23 16.47 -31.45 -11.03
N PRO B 24 16.14 -30.15 -10.95
CA PRO B 24 15.43 -29.77 -9.70
C PRO B 24 13.98 -30.28 -9.68
N ALA B 25 13.29 -30.11 -8.53
CA ALA B 25 11.94 -30.63 -8.39
C ALA B 25 11.01 -29.56 -7.77
N ALA B 26 9.74 -29.60 -8.17
CA ALA B 26 8.76 -28.58 -7.70
C ALA B 26 7.48 -29.28 -7.27
N VAL B 27 6.83 -28.72 -6.25
CA VAL B 27 5.48 -29.12 -5.85
C VAL B 27 4.56 -28.00 -6.35
N VAL B 28 3.49 -28.33 -7.06
CA VAL B 28 2.46 -27.32 -7.44
C VAL B 28 1.12 -27.78 -6.86
N THR B 29 0.52 -26.99 -5.96
CA THR B 29 -0.80 -27.43 -5.41
C THR B 29 -1.92 -27.08 -6.41
N GLY B 30 -2.98 -27.88 -6.39
CA GLY B 30 -4.15 -27.66 -7.28
C GLY B 30 -3.69 -27.64 -8.74
N ALA B 31 -2.84 -28.62 -9.12
CA ALA B 31 -2.15 -28.57 -10.43
C ALA B 31 -2.88 -29.34 -11.54
N ALA B 32 -4.02 -29.94 -11.27
CA ALA B 32 -4.70 -30.80 -12.30
C ALA B 32 -5.30 -29.95 -13.43
N LYS B 33 -5.69 -28.70 -13.16
CA LYS B 33 -6.48 -27.91 -14.18
C LYS B 33 -6.04 -26.44 -14.15
N ARG B 34 -6.41 -25.70 -15.21
CA ARG B 34 -6.39 -24.24 -15.22
C ARG B 34 -4.99 -23.71 -14.88
N ILE B 35 -4.90 -22.74 -13.95
CA ILE B 35 -3.62 -22.08 -13.77
C ILE B 35 -2.56 -23.02 -13.22
N GLY B 36 -2.93 -23.85 -12.25
CA GLY B 36 -1.90 -24.76 -11.64
C GLY B 36 -1.36 -25.76 -12.69
N ARG B 37 -2.24 -26.19 -13.60
CA ARG B 37 -1.80 -27.10 -14.67
C ARG B 37 -0.80 -26.41 -15.57
N ALA B 38 -1.07 -25.13 -15.93
CA ALA B 38 -0.17 -24.40 -16.81
C ALA B 38 1.17 -24.15 -16.11
N ILE B 39 1.15 -23.87 -14.80
CA ILE B 39 2.38 -23.74 -14.04
C ILE B 39 3.17 -25.05 -14.05
N ALA B 40 2.50 -26.17 -13.78
CA ALA B 40 3.20 -27.45 -13.76
C ALA B 40 3.84 -27.76 -15.14
N VAL B 41 3.10 -27.48 -16.22
CA VAL B 41 3.62 -27.72 -17.60
C VAL B 41 4.85 -26.85 -17.86
N LYS B 42 4.80 -25.55 -17.51
CA LYS B 42 5.91 -24.68 -17.81
C LYS B 42 7.13 -24.99 -16.95
N LEU B 43 6.90 -25.37 -15.68
CA LEU B 43 8.04 -25.78 -14.89
C LEU B 43 8.68 -27.04 -15.53
N HIS B 44 7.82 -27.97 -15.94
CA HIS B 44 8.37 -29.22 -16.56
C HIS B 44 9.15 -28.86 -17.83
N GLN B 45 8.58 -28.00 -18.67
CA GLN B 45 9.31 -27.54 -19.90
C GLN B 45 10.65 -26.89 -19.56
N THR B 46 10.79 -26.26 -18.38
CA THR B 46 11.98 -25.58 -17.93
C THR B 46 13.00 -26.60 -17.39
N GLY B 47 12.59 -27.85 -17.15
CA GLY B 47 13.51 -28.90 -16.72
C GLY B 47 13.25 -29.41 -15.30
N TYR B 48 12.12 -28.97 -14.68
CA TYR B 48 11.79 -29.49 -13.35
C TYR B 48 11.02 -30.82 -13.45
N ARG B 49 11.28 -31.66 -12.44
CA ARG B 49 10.40 -32.78 -12.12
C ARG B 49 9.29 -32.21 -11.21
N VAL B 50 8.08 -32.73 -11.34
CA VAL B 50 6.94 -32.07 -10.66
CA VAL B 50 6.92 -32.06 -10.67
C VAL B 50 6.08 -33.06 -9.87
N VAL B 51 5.66 -32.60 -8.69
CA VAL B 51 4.57 -33.25 -7.96
C VAL B 51 3.28 -32.49 -8.30
N ILE B 52 2.31 -33.16 -8.86
CA ILE B 52 1.01 -32.59 -9.27
C ILE B 52 0.05 -32.87 -8.11
N HIS B 53 -0.17 -31.90 -7.21
CA HIS B 53 -1.09 -32.16 -6.10
C HIS B 53 -2.51 -31.93 -6.64
N TYR B 54 -3.46 -32.72 -6.12
CA TYR B 54 -4.89 -32.53 -6.50
C TYR B 54 -5.77 -32.89 -5.30
N HIS B 55 -7.04 -32.50 -5.38
CA HIS B 55 -7.98 -32.83 -4.32
C HIS B 55 -9.04 -33.77 -4.92
N ASN B 56 -9.90 -33.24 -5.77
CA ASN B 56 -10.99 -34.01 -6.38
C ASN B 56 -10.69 -34.40 -7.82
N SER B 57 -9.74 -33.76 -8.50
CA SER B 57 -9.62 -33.95 -9.93
C SER B 57 -8.57 -35.04 -10.26
N ALA B 58 -8.82 -36.28 -9.82
CA ALA B 58 -7.81 -37.36 -10.02
C ALA B 58 -7.56 -37.66 -11.51
N GLU B 59 -8.61 -37.81 -12.29
CA GLU B 59 -8.45 -38.16 -13.70
C GLU B 59 -7.60 -37.11 -14.43
N ALA B 60 -7.89 -35.81 -14.19
CA ALA B 60 -7.11 -34.76 -14.87
C ALA B 60 -5.66 -34.73 -14.36
N ALA B 61 -5.44 -35.00 -13.06
CA ALA B 61 -4.07 -34.99 -12.47
C ALA B 61 -3.23 -36.10 -13.12
N VAL B 62 -3.85 -37.29 -13.19
CA VAL B 62 -3.16 -38.45 -13.76
C VAL B 62 -2.94 -38.24 -15.24
N SER B 63 -3.92 -37.66 -15.94
CA SER B 63 -3.71 -37.38 -17.36
CA SER B 63 -3.71 -37.36 -17.36
C SER B 63 -2.53 -36.42 -17.59
N LEU B 64 -2.39 -35.40 -16.71
CA LEU B 64 -1.22 -34.53 -16.88
C LEU B 64 0.09 -35.28 -16.57
N ALA B 65 0.11 -36.08 -15.48
CA ALA B 65 1.37 -36.77 -15.13
C ALA B 65 1.75 -37.74 -16.28
N ASP B 66 0.74 -38.36 -16.87
CA ASP B 66 1.08 -39.32 -17.96
C ASP B 66 1.65 -38.55 -19.18
N GLU B 67 1.03 -37.41 -19.56
CA GLU B 67 1.56 -36.56 -20.64
C GLU B 67 3.02 -36.16 -20.35
N LEU B 68 3.30 -35.68 -19.13
CA LEU B 68 4.65 -35.23 -18.72
C LEU B 68 5.68 -36.37 -18.72
N ASN B 69 5.25 -37.55 -18.26
CA ASN B 69 6.16 -38.70 -18.21
C ASN B 69 6.43 -39.25 -19.62
N LYS B 70 5.49 -39.04 -20.53
CA LYS B 70 5.70 -39.43 -21.93
C LYS B 70 6.79 -38.54 -22.52
N GLU B 71 6.79 -37.26 -22.18
CA GLU B 71 7.84 -36.32 -22.61
C GLU B 71 9.21 -36.71 -22.01
N ARG B 72 9.28 -37.00 -20.71
CA ARG B 72 10.53 -37.43 -20.04
C ARG B 72 10.16 -38.41 -18.93
N SER B 73 10.59 -39.67 -19.05
CA SER B 73 10.19 -40.69 -18.07
C SER B 73 10.55 -40.29 -16.64
N ASN B 74 9.66 -40.63 -15.72
CA ASN B 74 9.94 -40.51 -14.29
C ASN B 74 10.18 -39.05 -13.88
N THR B 75 9.42 -38.12 -14.46
CA THR B 75 9.58 -36.72 -14.08
C THR B 75 8.29 -36.14 -13.46
N ALA B 76 7.23 -36.95 -13.28
CA ALA B 76 5.97 -36.39 -12.72
C ALA B 76 5.31 -37.46 -11.87
N VAL B 77 4.84 -37.04 -10.69
CA VAL B 77 3.97 -37.92 -9.87
C VAL B 77 2.74 -37.08 -9.44
N VAL B 78 1.70 -37.75 -8.98
CA VAL B 78 0.53 -37.05 -8.41
C VAL B 78 0.50 -37.28 -6.90
N CYS B 79 -0.14 -36.35 -6.18
CA CYS B 79 -0.28 -36.50 -4.73
C CYS B 79 -1.66 -35.96 -4.37
N GLN B 80 -2.52 -36.80 -3.80
CA GLN B 80 -3.88 -36.34 -3.41
C GLN B 80 -3.90 -35.81 -1.96
N ALA B 81 -4.58 -34.68 -1.74
CA ALA B 81 -4.79 -34.17 -0.38
C ALA B 81 -5.88 -33.09 -0.37
N ASP B 82 -6.73 -33.11 0.66
CA ASP B 82 -7.66 -32.00 0.94
C ASP B 82 -6.91 -30.99 1.74
N LEU B 83 -6.96 -29.72 1.30
CA LEU B 83 -6.20 -28.63 1.98
C LEU B 83 -7.12 -27.77 2.86
N THR B 84 -8.35 -28.24 3.12
CA THR B 84 -9.27 -27.62 4.10
C THR B 84 -8.60 -27.64 5.48
N ASN B 85 -8.78 -26.58 6.28
CA ASN B 85 -8.18 -26.59 7.63
C ASN B 85 -8.87 -27.67 8.51
N SER B 86 -8.03 -28.36 9.27
CA SER B 86 -8.48 -29.42 10.24
C SER B 86 -7.28 -29.83 11.10
N ASN B 87 -7.53 -30.72 12.09
CA ASN B 87 -6.46 -31.27 12.93
C ASN B 87 -5.46 -32.07 12.10
N VAL B 88 -5.84 -32.60 10.91
CA VAL B 88 -4.90 -33.43 10.13
C VAL B 88 -4.20 -32.61 9.03
N LEU B 89 -4.60 -31.34 8.88
CA LEU B 89 -3.93 -30.54 7.77
C LEU B 89 -2.39 -30.50 7.88
N PRO B 90 -1.77 -30.29 9.08
CA PRO B 90 -0.31 -30.23 9.19
C PRO B 90 0.30 -31.54 8.66
N ALA B 91 -0.30 -32.68 9.02
CA ALA B 91 0.21 -33.96 8.53
C ALA B 91 0.08 -34.08 7.02
N SER B 92 -1.06 -33.65 6.46
CA SER B 92 -1.28 -33.70 5.02
C SER B 92 -0.19 -32.88 4.31
N CYS B 93 0.04 -31.69 4.84
CA CYS B 93 1.00 -30.77 4.14
C CYS B 93 2.44 -31.31 4.26
N GLU B 94 2.78 -31.88 5.41
CA GLU B 94 4.07 -32.61 5.57
C GLU B 94 4.20 -33.74 4.54
N GLU B 95 3.13 -34.48 4.32
CA GLU B 95 3.13 -35.61 3.36
C GLU B 95 3.26 -35.10 1.90
N ILE B 96 2.69 -33.94 1.57
CA ILE B 96 2.90 -33.39 0.21
C ILE B 96 4.38 -33.08 -0.03
N ILE B 97 5.04 -32.41 0.91
CA ILE B 97 6.46 -32.10 0.74
C ILE B 97 7.25 -33.43 0.71
N ASN B 98 6.92 -34.33 1.65
CA ASN B 98 7.64 -35.64 1.74
C ASN B 98 7.52 -36.38 0.39
N SER B 99 6.34 -36.30 -0.27
CA SER B 99 6.17 -36.99 -1.56
C SER B 99 7.20 -36.51 -2.60
N CYS B 100 7.53 -35.20 -2.60
CA CYS B 100 8.52 -34.70 -3.55
C CYS B 100 9.91 -35.30 -3.23
N PHE B 101 10.32 -35.31 -1.96
CA PHE B 101 11.62 -35.94 -1.58
C PHE B 101 11.63 -37.45 -1.88
N ARG B 102 10.51 -38.15 -1.64
CA ARG B 102 10.51 -39.60 -1.93
C ARG B 102 10.61 -39.85 -3.44
N ALA B 103 9.97 -39.04 -4.28
CA ALA B 103 9.97 -39.26 -5.74
C ALA B 103 11.30 -38.80 -6.33
N PHE B 104 11.86 -37.68 -5.85
CA PHE B 104 12.88 -37.02 -6.65
C PHE B 104 14.13 -36.69 -5.84
N GLY B 105 14.09 -36.87 -4.54
CA GLY B 105 15.28 -36.75 -3.68
C GLY B 105 15.59 -35.32 -3.28
N ARG B 106 14.68 -34.39 -3.64
CA ARG B 106 14.95 -32.97 -3.38
C ARG B 106 13.62 -32.23 -3.58
N CYS B 107 13.53 -31.00 -3.07
CA CYS B 107 12.34 -30.17 -3.34
C CYS B 107 12.85 -28.73 -3.40
N ASP B 108 12.93 -28.20 -4.61
CA ASP B 108 13.52 -26.87 -4.83
C ASP B 108 12.50 -25.76 -4.82
N VAL B 109 11.31 -26.08 -5.33
CA VAL B 109 10.28 -25.03 -5.56
C VAL B 109 8.94 -25.50 -5.00
N LEU B 110 8.24 -24.60 -4.28
CA LEU B 110 6.83 -24.84 -3.87
C LEU B 110 5.95 -23.74 -4.48
N VAL B 111 4.90 -24.11 -5.20
CA VAL B 111 3.92 -23.14 -5.72
C VAL B 111 2.60 -23.38 -5.03
N ASN B 112 2.20 -22.38 -4.21
CA ASN B 112 0.94 -22.47 -3.48
C ASN B 112 -0.15 -21.88 -4.39
N ASN B 113 -0.78 -22.75 -5.16
CA ASN B 113 -1.76 -22.33 -6.17
C ASN B 113 -3.20 -22.71 -5.81
N ALA B 114 -3.42 -23.84 -5.13
CA ALA B 114 -4.79 -24.32 -4.84
C ALA B 114 -5.59 -23.27 -4.08
N SER B 115 -6.86 -23.19 -4.41
CA SER B 115 -7.65 -22.13 -3.79
C SER B 115 -9.14 -22.47 -3.87
N ALA B 116 -9.86 -22.30 -2.76
CA ALA B 116 -11.36 -22.26 -2.76
C ALA B 116 -11.79 -20.82 -2.95
N PHE B 117 -12.91 -20.65 -3.67
CA PHE B 117 -13.33 -19.31 -4.06
C PHE B 117 -14.86 -19.34 -4.22
N TYR B 118 -15.57 -18.68 -3.30
CA TYR B 118 -17.06 -18.59 -3.38
C TYR B 118 -17.48 -17.53 -2.36
N PRO B 119 -18.66 -16.96 -2.53
CA PRO B 119 -19.08 -15.86 -1.66
C PRO B 119 -19.49 -16.38 -0.28
N THR B 120 -19.31 -15.52 0.73
CA THR B 120 -19.68 -15.79 2.12
C THR B 120 -20.35 -14.50 2.68
N PRO B 121 -21.61 -14.23 2.30
CA PRO B 121 -22.21 -12.96 2.71
C PRO B 121 -22.26 -12.77 4.23
N LEU B 122 -22.08 -11.55 4.68
CA LEU B 122 -22.10 -11.23 6.12
C LEU B 122 -23.56 -11.22 6.60
N VAL B 123 -24.47 -10.84 5.70
CA VAL B 123 -25.91 -10.74 6.10
C VAL B 123 -26.83 -11.58 5.21
N GLN B 124 -27.81 -12.16 5.90
CA GLN B 124 -28.99 -12.89 5.37
C GLN B 124 -29.58 -12.16 4.17
N GLY B 133 -25.08 -24.93 1.25
CA GLY B 133 -25.64 -25.38 2.54
C GLY B 133 -24.56 -25.73 3.54
N LYS B 134 -23.41 -25.05 3.43
CA LYS B 134 -22.26 -25.30 4.29
C LYS B 134 -22.38 -24.44 5.54
N THR B 135 -21.96 -24.96 6.69
CA THR B 135 -21.92 -24.16 7.90
C THR B 135 -20.82 -23.07 7.74
N VAL B 136 -20.92 -22.02 8.54
CA VAL B 136 -19.87 -20.96 8.48
C VAL B 136 -18.51 -21.53 8.90
N GLU B 137 -18.43 -22.47 9.88
CA GLU B 137 -17.12 -22.98 10.24
C GLU B 137 -16.52 -23.82 9.11
N THR B 138 -17.37 -24.50 8.30
CA THR B 138 -16.87 -25.18 7.10
C THR B 138 -16.31 -24.15 6.09
N GLN B 139 -17.04 -23.04 5.91
CA GLN B 139 -16.58 -21.97 4.98
C GLN B 139 -15.23 -21.43 5.44
N VAL B 140 -15.10 -21.16 6.75
CA VAL B 140 -13.83 -20.74 7.30
C VAL B 140 -12.73 -21.77 7.00
N ALA B 141 -13.01 -23.03 7.30
CA ALA B 141 -11.99 -24.08 7.11
C ALA B 141 -11.54 -24.17 5.64
N GLU B 142 -12.48 -24.04 4.72
CA GLU B 142 -12.15 -24.23 3.34
C GLU B 142 -11.46 -22.99 2.77
N LEU B 143 -12.04 -21.80 3.01
CA LEU B 143 -11.48 -20.56 2.39
C LEU B 143 -10.18 -20.13 3.08
N ILE B 144 -10.14 -20.11 4.43
CA ILE B 144 -8.88 -19.73 5.10
C ILE B 144 -7.89 -20.90 5.04
N GLY B 145 -8.37 -22.14 5.11
CA GLY B 145 -7.43 -23.31 4.99
C GLY B 145 -6.71 -23.35 3.64
N THR B 146 -7.46 -23.39 2.54
CA THR B 146 -6.81 -23.51 1.20
C THR B 146 -5.94 -22.29 0.91
N ASN B 147 -6.47 -21.10 1.20
CA ASN B 147 -5.83 -19.89 0.70
C ASN B 147 -4.66 -19.44 1.59
N ALA B 148 -4.64 -19.85 2.86
CA ALA B 148 -3.69 -19.27 3.81
C ALA B 148 -3.01 -20.31 4.71
N ILE B 149 -3.80 -21.13 5.41
CA ILE B 149 -3.24 -22.07 6.43
CA ILE B 149 -3.16 -22.00 6.43
C ILE B 149 -2.41 -23.17 5.75
N ALA B 150 -2.96 -23.78 4.70
CA ALA B 150 -2.22 -24.82 3.94
C ALA B 150 -0.91 -24.21 3.38
N PRO B 151 -0.94 -23.01 2.73
CA PRO B 151 0.33 -22.43 2.31
C PRO B 151 1.33 -22.28 3.47
N PHE B 152 0.87 -21.83 4.64
CA PHE B 152 1.78 -21.68 5.80
C PHE B 152 2.38 -23.04 6.20
N LEU B 153 1.54 -24.07 6.32
CA LEU B 153 1.99 -25.42 6.75
C LEU B 153 2.92 -26.03 5.69
N LEU B 154 2.60 -25.83 4.39
CA LEU B 154 3.50 -26.29 3.32
C LEU B 154 4.86 -25.56 3.40
N THR B 155 4.83 -24.26 3.64
CA THR B 155 6.04 -23.42 3.77
C THR B 155 6.89 -23.95 4.96
N MET B 156 6.24 -24.23 6.11
CA MET B 156 6.96 -24.81 7.29
CA MET B 156 6.97 -24.78 7.28
C MET B 156 7.64 -26.13 6.91
N SER B 157 6.88 -27.02 6.28
CA SER B 157 7.41 -28.37 5.92
C SER B 157 8.53 -28.23 4.89
N PHE B 158 8.35 -27.34 3.91
CA PHE B 158 9.36 -27.10 2.88
C PHE B 158 10.67 -26.64 3.54
N ALA B 159 10.58 -25.65 4.41
CA ALA B 159 11.79 -25.07 5.04
C ALA B 159 12.44 -26.10 5.98
N GLN B 160 11.62 -26.85 6.71
CA GLN B 160 12.18 -27.78 7.71
C GLN B 160 13.03 -28.83 6.98
N ARG B 161 12.57 -29.24 5.80
CA ARG B 161 13.29 -30.26 5.01
C ARG B 161 14.58 -29.69 4.39
N GLN B 162 14.80 -28.38 4.41
CA GLN B 162 16.06 -27.80 3.84
C GLN B 162 17.07 -27.41 4.94
N LYS B 163 16.66 -27.24 6.22
CA LYS B 163 17.50 -26.54 7.26
C LYS B 163 18.93 -27.11 7.33
N SER B 171 24.87 -23.76 -6.29
CA SER B 171 24.10 -24.52 -7.29
C SER B 171 22.59 -24.35 -7.03
N SER B 172 22.20 -24.19 -5.77
CA SER B 172 20.79 -24.26 -5.39
C SER B 172 20.08 -22.91 -5.60
N ASN B 173 18.79 -22.99 -5.90
CA ASN B 173 17.95 -21.82 -6.07
C ASN B 173 16.56 -22.23 -5.57
N LEU B 174 16.40 -22.15 -4.26
CA LEU B 174 15.16 -22.59 -3.56
C LEU B 174 14.20 -21.41 -3.50
N SER B 175 12.96 -21.62 -3.90
CA SER B 175 11.97 -20.55 -3.71
C SER B 175 10.54 -21.09 -3.62
N ILE B 176 9.70 -20.20 -3.07
CA ILE B 176 8.26 -20.47 -2.92
C ILE B 176 7.55 -19.35 -3.69
N VAL B 177 6.49 -19.70 -4.44
CA VAL B 177 5.67 -18.68 -5.14
C VAL B 177 4.22 -18.89 -4.69
N ASN B 178 3.62 -17.83 -4.16
CA ASN B 178 2.22 -17.88 -3.67
C ASN B 178 1.33 -17.17 -4.69
N LEU B 179 0.21 -17.82 -5.06
CA LEU B 179 -0.77 -17.20 -5.98
C LEU B 179 -1.72 -16.33 -5.15
N CYS B 180 -1.52 -15.03 -5.34
CA CYS B 180 -2.22 -13.97 -4.62
C CYS B 180 -3.36 -13.45 -5.49
N ASP B 181 -3.85 -12.21 -5.28
CA ASP B 181 -5.00 -11.71 -6.04
C ASP B 181 -4.76 -10.21 -6.17
N ALA B 182 -4.69 -9.71 -7.42
CA ALA B 182 -4.40 -8.29 -7.63
C ALA B 182 -5.51 -7.38 -7.08
N MET B 183 -6.70 -7.93 -6.81
CA MET B 183 -7.85 -7.10 -6.41
C MET B 183 -8.14 -7.23 -4.90
N VAL B 184 -7.09 -7.58 -4.12
CA VAL B 184 -7.27 -7.79 -2.65
C VAL B 184 -7.75 -6.51 -1.96
N ASP B 185 -7.31 -5.36 -2.47
CA ASP B 185 -7.80 -4.09 -1.88
C ASP B 185 -9.05 -3.47 -2.52
N GLN B 186 -9.63 -4.11 -3.53
CA GLN B 186 -10.85 -3.68 -4.16
C GLN B 186 -11.71 -4.93 -4.35
N PRO B 187 -12.16 -5.46 -3.23
CA PRO B 187 -12.64 -6.87 -3.36
C PRO B 187 -14.06 -7.01 -3.94
N CYS B 188 -14.40 -8.22 -4.40
CA CYS B 188 -15.80 -8.46 -4.81
C CYS B 188 -16.72 -8.46 -3.58
N MET B 189 -17.91 -7.91 -3.82
CA MET B 189 -18.95 -7.83 -2.84
C MET B 189 -19.25 -9.24 -2.27
N ALA B 190 -19.29 -9.36 -0.95
CA ALA B 190 -19.76 -10.60 -0.25
C ALA B 190 -18.72 -11.73 -0.34
N PHE B 191 -17.44 -11.40 -0.59
CA PHE B 191 -16.32 -12.40 -0.58
C PHE B 191 -15.39 -12.16 0.62
N SER B 192 -15.93 -11.82 1.81
CA SER B 192 -15.05 -11.44 2.90
CA SER B 192 -15.11 -11.47 2.97
C SER B 192 -14.08 -12.58 3.27
N LEU B 193 -14.56 -13.83 3.42
CA LEU B 193 -13.62 -14.88 3.87
C LEU B 193 -12.53 -15.18 2.81
N TYR B 194 -12.88 -15.21 1.52
CA TYR B 194 -11.90 -15.36 0.43
C TYR B 194 -10.86 -14.21 0.52
N ASN B 195 -11.34 -12.98 0.69
CA ASN B 195 -10.45 -11.80 0.69
CA ASN B 195 -10.42 -11.85 0.68
C ASN B 195 -9.54 -11.85 1.93
N MET B 196 -10.13 -12.26 3.08
CA MET B 196 -9.27 -12.40 4.30
C MET B 196 -8.16 -13.42 4.03
N GLY B 197 -8.51 -14.57 3.40
CA GLY B 197 -7.48 -15.60 3.14
C GLY B 197 -6.38 -15.07 2.21
N LYS B 198 -6.78 -14.35 1.17
CA LYS B 198 -5.74 -13.81 0.24
C LYS B 198 -4.91 -12.68 0.90
N HIS B 199 -5.52 -11.86 1.79
CA HIS B 199 -4.69 -10.91 2.55
C HIS B 199 -3.72 -11.66 3.47
N ALA B 200 -4.20 -12.75 4.15
CA ALA B 200 -3.29 -13.51 5.01
C ALA B 200 -2.12 -14.08 4.17
N LEU B 201 -2.37 -14.43 2.93
CA LEU B 201 -1.28 -14.98 2.09
C LEU B 201 -0.25 -13.90 1.75
N VAL B 202 -0.63 -12.64 1.59
CA VAL B 202 0.33 -11.55 1.42
C VAL B 202 1.21 -11.50 2.66
N GLY B 203 0.54 -11.55 3.84
CA GLY B 203 1.34 -11.54 5.06
C GLY B 203 2.29 -12.71 5.11
N LEU B 204 1.82 -13.91 4.77
CA LEU B 204 2.74 -15.06 4.78
C LEU B 204 3.95 -14.83 3.84
N THR B 205 3.67 -14.31 2.65
CA THR B 205 4.70 -14.10 1.64
C THR B 205 5.76 -13.18 2.24
N GLN B 206 5.32 -12.08 2.87
CA GLN B 206 6.32 -11.14 3.49
C GLN B 206 7.05 -11.74 4.70
N SER B 207 6.29 -12.32 5.64
CA SER B 207 6.88 -12.87 6.88
C SER B 207 7.83 -14.02 6.52
N ALA B 208 7.44 -14.89 5.58
CA ALA B 208 8.30 -16.05 5.23
C ALA B 208 9.53 -15.56 4.43
N ALA B 209 9.34 -14.56 3.59
CA ALA B 209 10.52 -13.99 2.90
C ALA B 209 11.59 -13.57 3.93
N LEU B 210 11.15 -12.83 4.95
N LEU B 210 11.15 -12.85 4.97
CA LEU B 210 12.12 -12.31 5.93
CA LEU B 210 12.13 -12.35 5.94
C LEU B 210 12.78 -13.46 6.72
C LEU B 210 12.79 -13.49 6.70
N GLU B 211 11.98 -14.45 7.16
CA GLU B 211 12.46 -15.47 8.07
C GLU B 211 13.31 -16.51 7.34
N LEU B 212 12.98 -16.80 6.07
CA LEU B 212 13.69 -17.85 5.31
C LEU B 212 14.90 -17.30 4.51
N ALA B 213 15.04 -15.99 4.39
CA ALA B 213 16.15 -15.38 3.63
C ALA B 213 17.50 -15.94 4.15
N PRO B 214 17.69 -16.16 5.47
CA PRO B 214 18.98 -16.76 5.97
C PRO B 214 19.33 -18.14 5.39
N TYR B 215 18.33 -18.91 4.97
CA TYR B 215 18.46 -20.24 4.40
C TYR B 215 18.53 -20.16 2.88
N GLY B 216 18.54 -18.97 2.31
CA GLY B 216 18.63 -18.87 0.84
C GLY B 216 17.30 -19.23 0.17
N ILE B 217 16.18 -19.21 0.92
CA ILE B 217 14.87 -19.56 0.30
C ILE B 217 14.21 -18.21 0.03
N ARG B 218 13.93 -17.93 -1.24
CA ARG B 218 13.18 -16.72 -1.60
C ARG B 218 11.66 -17.03 -1.56
N VAL B 219 10.84 -16.03 -1.22
CA VAL B 219 9.38 -16.23 -1.16
C VAL B 219 8.74 -15.02 -1.83
N ASN B 220 7.95 -15.28 -2.86
CA ASN B 220 7.34 -14.23 -3.71
C ASN B 220 5.90 -14.59 -4.02
N GLY B 221 5.18 -13.65 -4.66
CA GLY B 221 3.83 -13.94 -5.12
C GLY B 221 3.61 -13.50 -6.57
N VAL B 222 2.59 -14.08 -7.19
CA VAL B 222 2.04 -13.62 -8.47
C VAL B 222 0.57 -13.38 -8.23
N ALA B 223 0.15 -12.18 -8.58
CA ALA B 223 -1.24 -11.75 -8.31
C ALA B 223 -2.01 -11.54 -9.61
N PRO B 224 -2.81 -12.53 -10.06
CA PRO B 224 -3.65 -12.33 -11.24
C PRO B 224 -4.78 -11.33 -10.95
N GLY B 225 -5.28 -10.69 -12.00
CA GLY B 225 -6.54 -9.92 -11.86
C GLY B 225 -7.69 -10.81 -12.32
N VAL B 226 -8.04 -10.73 -13.58
CA VAL B 226 -8.94 -11.75 -14.10
CA VAL B 226 -8.97 -11.71 -14.16
C VAL B 226 -8.14 -12.60 -15.08
N SER B 227 -8.13 -13.90 -14.78
CA SER B 227 -7.49 -14.87 -15.65
C SER B 227 -8.59 -15.83 -16.12
N LEU B 228 -8.33 -17.12 -16.17
CA LEU B 228 -9.36 -18.05 -16.61
C LEU B 228 -10.63 -17.90 -15.79
N LEU B 229 -11.74 -17.60 -16.48
CA LEU B 229 -13.00 -17.36 -15.78
C LEU B 229 -13.67 -18.70 -15.44
N PRO B 230 -14.54 -18.73 -14.40
CA PRO B 230 -15.36 -19.94 -14.06
C PRO B 230 -15.97 -20.61 -15.30
N VAL B 231 -16.04 -21.94 -15.33
CA VAL B 231 -16.23 -22.66 -16.64
C VAL B 231 -17.65 -22.43 -17.22
N ALA B 232 -18.67 -22.43 -16.38
CA ALA B 232 -20.07 -22.38 -16.86
C ALA B 232 -20.61 -20.94 -16.84
N MET B 233 -19.76 -19.97 -16.43
CA MET B 233 -20.09 -18.55 -16.48
C MET B 233 -20.51 -18.23 -17.92
N GLY B 234 -21.67 -17.61 -18.08
CA GLY B 234 -22.13 -17.20 -19.41
C GLY B 234 -21.15 -16.24 -20.07
N GLU B 235 -20.98 -16.35 -21.41
CA GLU B 235 -20.07 -15.42 -22.13
C GLU B 235 -20.45 -13.96 -21.86
N GLU B 236 -21.75 -13.68 -21.72
CA GLU B 236 -22.17 -12.28 -21.53
C GLU B 236 -21.62 -11.76 -20.20
N GLU B 237 -21.54 -12.65 -19.19
CA GLU B 237 -20.97 -12.22 -17.89
C GLU B 237 -19.43 -12.17 -17.99
N LYS B 238 -18.83 -13.13 -18.72
CA LYS B 238 -17.37 -13.12 -18.88
C LYS B 238 -16.95 -11.80 -19.55
N ASP B 239 -17.72 -11.37 -20.55
CA ASP B 239 -17.46 -10.11 -21.23
C ASP B 239 -17.53 -8.86 -20.35
N LYS B 240 -18.39 -8.87 -19.31
CA LYS B 240 -18.46 -7.74 -18.40
C LYS B 240 -17.09 -7.59 -17.71
N TRP B 241 -16.46 -8.70 -17.36
CA TRP B 241 -15.13 -8.63 -16.71
C TRP B 241 -14.05 -8.27 -17.74
N ARG B 242 -14.08 -8.93 -18.89
CA ARG B 242 -13.09 -8.69 -19.93
C ARG B 242 -13.05 -7.20 -20.30
N ARG B 243 -14.23 -6.58 -20.44
CA ARG B 243 -14.29 -5.19 -20.86
C ARG B 243 -13.68 -4.26 -19.81
N LYS B 244 -13.46 -4.70 -18.57
CA LYS B 244 -12.86 -3.80 -17.57
C LYS B 244 -11.33 -3.73 -17.72
N VAL B 245 -10.72 -4.67 -18.42
CA VAL B 245 -9.27 -4.76 -18.43
C VAL B 245 -8.69 -3.78 -19.45
N PRO B 246 -7.91 -2.78 -19.00
CA PRO B 246 -7.33 -1.81 -19.98
C PRO B 246 -6.49 -2.47 -21.08
N LEU B 247 -5.62 -3.40 -20.73
CA LEU B 247 -4.69 -3.96 -21.71
C LEU B 247 -5.36 -5.11 -22.47
N GLY B 248 -6.13 -4.75 -23.51
CA GLY B 248 -6.56 -5.77 -24.47
C GLY B 248 -8.02 -6.18 -24.24
N ARG B 249 -8.66 -5.69 -23.16
CA ARG B 249 -10.03 -6.05 -22.84
C ARG B 249 -10.24 -7.57 -22.90
N ARG B 250 -9.34 -8.30 -22.27
CA ARG B 250 -9.42 -9.78 -22.24
C ARG B 250 -8.76 -10.21 -20.91
N GLU B 251 -9.13 -11.42 -20.45
CA GLU B 251 -8.52 -12.04 -19.27
C GLU B 251 -7.14 -12.61 -19.59
N ALA B 252 -6.27 -12.78 -18.54
CA ALA B 252 -4.98 -13.41 -18.75
C ALA B 252 -5.17 -14.89 -19.08
N SER B 253 -4.36 -15.37 -20.01
CA SER B 253 -4.29 -16.85 -20.12
C SER B 253 -3.63 -17.46 -18.89
N ALA B 254 -3.87 -18.78 -18.67
CA ALA B 254 -3.12 -19.45 -17.60
C ALA B 254 -1.62 -19.37 -17.87
N GLU B 255 -1.20 -19.43 -19.14
CA GLU B 255 0.20 -19.43 -19.48
C GLU B 255 0.87 -18.08 -19.15
N GLN B 256 0.11 -16.99 -19.28
CA GLN B 256 0.64 -15.66 -18.91
C GLN B 256 0.87 -15.58 -17.39
N ILE B 257 -0.02 -16.18 -16.62
CA ILE B 257 0.26 -16.22 -15.16
C ILE B 257 1.48 -17.10 -14.92
N ALA B 258 1.53 -18.32 -15.56
CA ALA B 258 2.68 -19.18 -15.38
C ALA B 258 4.00 -18.48 -15.75
N ASP B 259 4.00 -17.62 -16.77
CA ASP B 259 5.28 -16.97 -17.13
C ASP B 259 5.89 -16.16 -15.93
N ALA B 260 5.04 -15.51 -15.13
CA ALA B 260 5.55 -14.73 -14.00
C ALA B 260 6.10 -15.67 -12.92
N VAL B 261 5.45 -16.84 -12.76
CA VAL B 261 5.96 -17.84 -11.79
C VAL B 261 7.36 -18.32 -12.24
N ILE B 262 7.51 -18.69 -13.52
CA ILE B 262 8.79 -19.14 -14.11
C ILE B 262 9.88 -18.07 -13.90
N PHE B 263 9.55 -16.77 -14.13
CA PHE B 263 10.56 -15.73 -13.87
C PHE B 263 10.99 -15.74 -12.39
N LEU B 264 9.99 -15.79 -11.46
CA LEU B 264 10.34 -15.73 -10.01
C LEU B 264 11.18 -16.92 -9.52
N VAL B 265 10.99 -18.09 -10.11
CA VAL B 265 11.81 -19.24 -9.65
C VAL B 265 13.17 -19.28 -10.35
N SER B 266 13.35 -18.46 -11.38
CA SER B 266 14.55 -18.52 -12.24
C SER B 266 15.77 -17.85 -11.59
N GLY B 267 16.94 -18.12 -12.20
CA GLY B 267 18.19 -17.41 -11.81
C GLY B 267 18.14 -15.90 -12.10
N SER B 268 17.19 -15.42 -12.89
CA SER B 268 17.03 -13.98 -13.21
C SER B 268 16.32 -13.22 -12.08
N ALA B 269 15.89 -13.95 -11.04
CA ALA B 269 15.17 -13.33 -9.93
C ALA B 269 15.90 -13.63 -8.60
N GLN B 270 17.22 -13.87 -8.64
CA GLN B 270 17.88 -14.38 -7.44
C GLN B 270 18.04 -13.34 -6.31
N TYR B 271 17.76 -12.07 -6.56
CA TYR B 271 17.82 -11.08 -5.48
C TYR B 271 16.38 -10.68 -5.08
N ILE B 272 15.35 -11.30 -5.73
CA ILE B 272 13.94 -10.90 -5.47
C ILE B 272 13.34 -11.81 -4.38
N THR B 273 12.93 -11.17 -3.29
CA THR B 273 12.20 -11.90 -2.23
C THR B 273 11.21 -10.92 -1.58
N GLY B 274 10.06 -11.46 -1.20
CA GLY B 274 9.04 -10.60 -0.56
C GLY B 274 8.28 -9.77 -1.61
N SER B 275 8.42 -10.03 -2.90
CA SER B 275 7.78 -9.22 -3.94
C SER B 275 6.55 -9.94 -4.46
N ILE B 276 5.51 -9.15 -4.76
CA ILE B 276 4.31 -9.72 -5.38
C ILE B 276 4.11 -9.05 -6.74
N ILE B 277 4.23 -9.82 -7.82
CA ILE B 277 4.08 -9.26 -9.19
C ILE B 277 2.62 -9.31 -9.65
N LYS B 278 1.95 -8.19 -9.87
CA LYS B 278 0.58 -8.22 -10.44
C LYS B 278 0.70 -8.62 -11.90
N VAL B 279 -0.20 -9.48 -12.34
CA VAL B 279 -0.28 -9.86 -13.76
C VAL B 279 -1.77 -9.65 -14.08
N ASP B 280 -2.13 -8.38 -14.24
CA ASP B 280 -3.56 -8.04 -14.28
C ASP B 280 -4.00 -7.09 -15.39
N GLY B 281 -3.08 -6.83 -16.32
CA GLY B 281 -3.53 -6.01 -17.53
C GLY B 281 -3.96 -4.59 -17.14
N GLY B 282 -3.56 -4.14 -15.95
CA GLY B 282 -3.96 -2.82 -15.43
C GLY B 282 -5.32 -2.79 -14.72
N LEU B 283 -5.96 -3.95 -14.48
CA LEU B 283 -7.32 -3.97 -13.92
C LEU B 283 -7.40 -3.27 -12.55
N SER B 284 -6.38 -3.47 -11.71
CA SER B 284 -6.39 -2.90 -10.35
C SER B 284 -6.26 -1.36 -10.37
N LEU B 285 -5.86 -0.81 -11.50
CA LEU B 285 -5.70 0.68 -11.58
C LEU B 285 -7.03 1.36 -11.95
N VAL B 286 -8.08 0.60 -12.23
CA VAL B 286 -9.31 1.14 -12.84
C VAL B 286 -10.27 1.53 -11.69
N HIS B 287 -10.64 2.81 -11.63
CA HIS B 287 -11.58 3.27 -10.63
C HIS B 287 -13.02 2.81 -10.95
N ALA B 288 -13.90 2.86 -9.93
CA ALA B 288 -15.32 2.42 -10.06
C ALA B 288 -16.04 3.22 -11.14
N GLU C 22 -1.56 33.43 23.14
CA GLU C 22 -2.73 32.86 23.89
C GLU C 22 -3.46 31.83 23.00
N ALA C 23 -4.17 32.29 21.96
CA ALA C 23 -4.85 31.36 21.04
C ALA C 23 -3.82 30.83 20.03
N PRO C 24 -3.91 29.52 19.69
CA PRO C 24 -2.98 29.13 18.60
C PRO C 24 -3.41 29.73 17.23
N ALA C 25 -2.56 29.59 16.21
CA ALA C 25 -2.80 30.20 14.92
C ALA C 25 -2.55 29.17 13.81
N ALA C 26 -3.38 29.25 12.76
CA ALA C 26 -3.26 28.27 11.63
C ALA C 26 -3.17 29.03 10.30
N VAL C 27 -2.42 28.49 9.34
CA VAL C 27 -2.47 28.94 7.96
C VAL C 27 -3.23 27.90 7.15
N VAL C 28 -4.23 28.31 6.35
CA VAL C 28 -4.93 27.42 5.40
C VAL C 28 -4.74 27.97 3.99
N THR C 29 -4.15 27.17 3.10
CA THR C 29 -3.95 27.66 1.77
C THR C 29 -5.21 27.40 0.94
N GLY C 30 -5.45 28.24 -0.06
CA GLY C 30 -6.70 28.08 -0.84
C GLY C 30 -7.97 28.09 0.02
N ALA C 31 -8.07 29.04 0.97
CA ALA C 31 -9.08 29.01 2.02
C ALA C 31 -10.35 29.83 1.68
N ALA C 32 -10.45 30.45 0.51
CA ALA C 32 -11.58 31.38 0.25
C ALA C 32 -12.88 30.61 0.00
N LYS C 33 -12.76 29.37 -0.50
CA LYS C 33 -13.97 28.69 -0.98
C LYS C 33 -13.89 27.20 -0.62
N ARG C 34 -15.04 26.55 -0.67
CA ARG C 34 -15.11 25.07 -0.79
C ARG C 34 -14.42 24.45 0.43
N ILE C 35 -13.55 23.46 0.22
CA ILE C 35 -13.05 22.68 1.35
C ILE C 35 -12.14 23.55 2.23
N GLY C 36 -11.29 24.41 1.60
CA GLY C 36 -10.37 25.18 2.46
C GLY C 36 -11.15 26.18 3.33
N ARG C 37 -12.25 26.69 2.79
CA ARG C 37 -13.10 27.63 3.59
C ARG C 37 -13.69 26.86 4.78
N ALA C 38 -14.17 25.61 4.55
CA ALA C 38 -14.76 24.87 5.65
C ALA C 38 -13.71 24.55 6.72
N ILE C 39 -12.48 24.22 6.28
CA ILE C 39 -11.38 24.00 7.21
C ILE C 39 -11.11 25.26 8.03
N ALA C 40 -10.95 26.41 7.36
CA ALA C 40 -10.72 27.66 8.10
C ALA C 40 -11.84 27.93 9.12
N VAL C 41 -13.09 27.76 8.69
CA VAL C 41 -14.23 28.00 9.62
C VAL C 41 -14.14 27.06 10.82
N LYS C 42 -13.95 25.77 10.58
CA LYS C 42 -13.93 24.86 11.68
C LYS C 42 -12.70 25.12 12.57
N LEU C 43 -11.52 25.45 12.00
CA LEU C 43 -10.39 25.77 12.93
C LEU C 43 -10.77 26.99 13.83
N HIS C 44 -11.30 28.01 13.17
CA HIS C 44 -11.71 29.25 13.88
C HIS C 44 -12.68 28.88 15.01
N GLN C 45 -13.67 28.06 14.66
CA GLN C 45 -14.68 27.61 15.67
C GLN C 45 -14.00 26.85 16.82
N THR C 46 -12.87 26.19 16.59
CA THR C 46 -12.15 25.44 17.64
C THR C 46 -11.30 26.40 18.47
N GLY C 47 -11.17 27.67 18.03
CA GLY C 47 -10.44 28.63 18.81
C GLY C 47 -9.14 29.10 18.16
N TYR C 48 -8.88 28.67 16.92
CA TYR C 48 -7.65 29.17 16.23
C TYR C 48 -7.89 30.57 15.65
N ARG C 49 -6.81 31.36 15.63
CA ARG C 49 -6.68 32.50 14.71
C ARG C 49 -6.21 31.96 13.36
N VAL C 50 -6.65 32.56 12.26
CA VAL C 50 -6.45 31.93 10.93
CA VAL C 50 -6.45 31.93 10.95
C VAL C 50 -5.90 32.94 9.93
N VAL C 51 -4.98 32.46 9.09
CA VAL C 51 -4.57 33.17 7.88
C VAL C 51 -5.30 32.52 6.72
N ILE C 52 -6.12 33.27 6.01
CA ILE C 52 -6.87 32.80 4.86
C ILE C 52 -6.08 33.13 3.61
N HIS C 53 -5.39 32.15 3.03
CA HIS C 53 -4.60 32.40 1.84
C HIS C 53 -5.51 32.33 0.60
N TYR C 54 -5.23 33.16 -0.41
CA TYR C 54 -5.99 33.14 -1.64
C TYR C 54 -5.06 33.52 -2.80
N HIS C 55 -5.47 33.15 -4.00
CA HIS C 55 -4.75 33.54 -5.21
C HIS C 55 -5.63 34.51 -6.00
N ASN C 56 -6.72 34.02 -6.61
CA ASN C 56 -7.62 34.85 -7.41
C ASN C 56 -8.87 35.25 -6.62
N SER C 57 -9.15 34.63 -5.47
CA SER C 57 -10.46 34.83 -4.86
C SER C 57 -10.41 35.86 -3.71
N ALA C 58 -10.00 37.09 -4.04
CA ALA C 58 -9.88 38.13 -3.00
C ALA C 58 -11.21 38.47 -2.31
N GLU C 59 -12.26 38.64 -3.10
CA GLU C 59 -13.55 39.08 -2.53
C GLU C 59 -14.04 38.05 -1.52
N ALA C 60 -14.00 36.76 -1.93
CA ALA C 60 -14.43 35.65 -1.08
C ALA C 60 -13.56 35.52 0.17
N ALA C 61 -12.24 35.72 0.02
CA ALA C 61 -11.29 35.64 1.14
C ALA C 61 -11.63 36.70 2.21
N VAL C 62 -11.85 37.92 1.74
CA VAL C 62 -12.16 39.02 2.63
C VAL C 62 -13.54 38.84 3.25
N SER C 63 -14.52 38.36 2.49
CA SER C 63 -15.83 38.06 3.04
C SER C 63 -15.73 37.05 4.20
N LEU C 64 -14.93 35.97 4.04
CA LEU C 64 -14.79 34.99 5.14
C LEU C 64 -14.10 35.67 6.33
N ALA C 65 -13.04 36.46 6.09
CA ALA C 65 -12.30 37.08 7.21
C ALA C 65 -13.23 38.04 7.97
N ASP C 66 -14.07 38.75 7.22
CA ASP C 66 -15.07 39.70 7.84
C ASP C 66 -16.01 38.89 8.78
N GLU C 67 -16.48 37.73 8.32
CA GLU C 67 -17.38 36.87 9.07
C GLU C 67 -16.70 36.34 10.34
N LEU C 68 -15.45 35.89 10.23
CA LEU C 68 -14.74 35.37 11.40
C LEU C 68 -14.37 36.49 12.39
N ASN C 69 -14.01 37.67 11.90
CA ASN C 69 -13.64 38.80 12.76
C ASN C 69 -14.91 39.36 13.45
N LYS C 70 -16.07 39.29 12.81
CA LYS C 70 -17.34 39.67 13.50
C LYS C 70 -17.56 38.74 14.70
N GLU C 71 -17.20 37.46 14.56
CA GLU C 71 -17.34 36.52 15.66
C GLU C 71 -16.36 36.84 16.80
N ARG C 72 -15.07 37.03 16.48
CA ARG C 72 -13.99 37.38 17.44
C ARG C 72 -13.04 38.35 16.73
N SER C 73 -12.88 39.57 17.26
N SER C 73 -12.94 39.59 17.21
CA SER C 73 -12.10 40.60 16.55
CA SER C 73 -12.16 40.61 16.48
C SER C 73 -10.62 40.22 16.41
C SER C 73 -10.68 40.21 16.38
N ASN C 74 -10.07 40.55 15.23
CA ASN C 74 -8.64 40.44 14.97
C ASN C 74 -8.18 38.98 15.13
N THR C 75 -9.00 38.07 14.62
CA THR C 75 -8.62 36.64 14.69
C THR C 75 -8.48 36.05 13.28
N ALA C 76 -8.62 36.85 12.22
CA ALA C 76 -8.54 36.33 10.82
C ALA C 76 -7.89 37.41 9.97
N VAL C 77 -6.84 37.04 9.23
CA VAL C 77 -6.24 37.93 8.22
C VAL C 77 -6.20 37.18 6.87
N VAL C 78 -6.07 37.90 5.76
CA VAL C 78 -5.94 37.29 4.43
C VAL C 78 -4.49 37.44 3.94
N CYS C 79 -4.07 36.53 3.06
CA CYS C 79 -2.73 36.61 2.47
C CYS C 79 -2.80 36.19 1.00
N GLN C 80 -2.47 37.08 0.05
CA GLN C 80 -2.50 36.72 -1.39
C GLN C 80 -1.18 36.07 -1.80
N ALA C 81 -1.26 34.95 -2.55
CA ALA C 81 -0.02 34.46 -3.20
C ALA C 81 -0.38 33.49 -4.31
N ASP C 82 0.36 33.57 -5.43
CA ASP C 82 0.31 32.52 -6.46
C ASP C 82 1.21 31.38 -6.03
N LEU C 83 0.64 30.14 -6.03
CA LEU C 83 1.46 28.98 -5.65
C LEU C 83 1.96 28.13 -6.86
N THR C 84 1.85 28.68 -8.06
CA THR C 84 2.51 28.10 -9.28
C THR C 84 4.02 28.00 -9.01
N ASN C 85 4.67 26.92 -9.45
CA ASN C 85 6.16 26.89 -9.27
C ASN C 85 6.82 27.99 -10.15
N SER C 86 7.80 28.69 -9.57
CA SER C 86 8.59 29.69 -10.28
C SER C 86 9.81 30.04 -9.43
N ASN C 87 10.68 30.91 -9.97
CA ASN C 87 11.85 31.45 -9.19
C ASN C 87 11.39 32.17 -7.92
N VAL C 88 10.16 32.68 -7.89
CA VAL C 88 9.69 33.45 -6.71
C VAL C 88 8.80 32.62 -5.77
N LEU C 89 8.47 31.37 -6.14
CA LEU C 89 7.62 30.58 -5.19
C LEU C 89 8.25 30.47 -3.78
N PRO C 90 9.55 30.24 -3.63
CA PRO C 90 10.05 30.18 -2.26
C PRO C 90 9.77 31.47 -1.44
N ALA C 91 9.96 32.64 -2.05
CA ALA C 91 9.70 33.89 -1.34
C ALA C 91 8.22 34.00 -0.99
N SER C 92 7.33 33.60 -1.91
CA SER C 92 5.89 33.67 -1.66
C SER C 92 5.48 32.77 -0.48
N CYS C 93 6.05 31.57 -0.43
CA CYS C 93 5.70 30.61 0.62
C CYS C 93 6.24 31.12 1.95
N GLU C 94 7.46 31.69 1.93
CA GLU C 94 8.01 32.31 3.15
C GLU C 94 7.08 33.45 3.62
N GLU C 95 6.50 34.21 2.69
CA GLU C 95 5.61 35.33 3.06
C GLU C 95 4.31 34.82 3.68
N ILE C 96 3.76 33.69 3.18
CA ILE C 96 2.51 33.15 3.79
C ILE C 96 2.77 32.81 5.27
N ILE C 97 3.87 32.12 5.55
CA ILE C 97 4.20 31.72 6.91
C ILE C 97 4.49 32.98 7.74
N ASN C 98 5.25 33.88 7.12
CA ASN C 98 5.58 35.17 7.80
C ASN C 98 4.30 35.93 8.19
N SER C 99 3.29 35.94 7.33
CA SER C 99 2.03 36.65 7.61
CA SER C 99 2.04 36.65 7.62
C SER C 99 1.40 36.13 8.91
N CYS C 100 1.53 34.82 9.18
CA CYS C 100 0.91 34.28 10.37
C CYS C 100 1.65 34.76 11.63
N PHE C 101 2.98 34.74 11.58
CA PHE C 101 3.84 35.20 12.67
C PHE C 101 3.63 36.70 12.94
N ARG C 102 3.49 37.44 11.87
CA ARG C 102 3.29 38.91 12.05
C ARG C 102 1.94 39.20 12.71
N ALA C 103 0.89 38.60 12.19
CA ALA C 103 -0.45 38.86 12.69
C ALA C 103 -0.63 38.33 14.12
N PHE C 104 -0.05 37.15 14.44
CA PHE C 104 -0.53 36.43 15.58
C PHE C 104 0.59 36.06 16.54
N GLY C 105 1.83 36.19 16.10
CA GLY C 105 3.02 35.95 16.96
C GLY C 105 3.46 34.50 17.03
N ARG C 106 2.82 33.64 16.24
CA ARG C 106 3.07 32.20 16.33
C ARG C 106 2.40 31.57 15.11
N CYS C 107 2.75 30.31 14.81
CA CYS C 107 2.06 29.55 13.72
C CYS C 107 2.10 28.07 14.14
N ASP C 108 0.96 27.57 14.55
CA ASP C 108 0.93 26.24 15.17
C ASP C 108 0.59 25.15 14.15
N VAL C 109 -0.19 25.55 13.15
CA VAL C 109 -0.80 24.61 12.16
C VAL C 109 -0.66 25.17 10.75
N LEU C 110 -0.25 24.29 9.81
CA LEU C 110 -0.27 24.58 8.38
C LEU C 110 -1.15 23.55 7.69
N VAL C 111 -2.14 23.99 6.93
CA VAL C 111 -3.01 23.11 6.15
C VAL C 111 -2.73 23.40 4.68
N ASN C 112 -2.17 22.41 3.97
CA ASN C 112 -1.86 22.55 2.56
C ASN C 112 -3.06 22.03 1.79
N ASN C 113 -3.93 22.94 1.43
CA ASN C 113 -5.20 22.63 0.83
C ASN C 113 -5.24 23.10 -0.65
N ALA C 114 -4.58 24.22 -1.00
CA ALA C 114 -4.66 24.76 -2.38
C ALA C 114 -4.24 23.72 -3.43
N SER C 115 -4.96 23.72 -4.55
CA SER C 115 -4.69 22.67 -5.57
C SER C 115 -5.23 23.06 -6.94
N ALA C 116 -4.40 22.88 -7.98
CA ALA C 116 -4.84 22.91 -9.37
C ALA C 116 -5.25 21.50 -9.78
N PHE C 117 -6.30 21.41 -10.59
CA PHE C 117 -6.84 20.13 -10.97
C PHE C 117 -7.39 20.23 -12.39
N TYR C 118 -6.77 19.53 -13.33
CA TYR C 118 -7.29 19.47 -14.71
C TYR C 118 -6.52 18.39 -15.49
N PRO C 119 -7.10 17.91 -16.60
CA PRO C 119 -6.43 16.82 -17.34
C PRO C 119 -5.20 17.31 -18.13
N THR C 120 -4.26 16.42 -18.34
CA THR C 120 -3.02 16.63 -19.08
C THR C 120 -2.75 15.34 -19.89
N PRO C 121 -3.43 15.19 -21.01
CA PRO C 121 -3.32 13.94 -21.82
C PRO C 121 -1.89 13.67 -22.30
N LEU C 122 -1.48 12.37 -22.32
CA LEU C 122 -0.12 12.05 -22.77
C LEU C 122 -0.04 12.10 -24.31
N VAL C 123 -1.16 11.81 -24.97
CA VAL C 123 -1.20 11.75 -26.45
C VAL C 123 -2.19 12.82 -26.92
N GLN C 124 -1.71 13.75 -27.76
CA GLN C 124 -2.36 15.05 -27.99
C GLN C 124 -3.39 14.95 -29.12
N GLY C 133 -4.07 26.89 -25.56
CA GLY C 133 -4.05 26.73 -24.10
C GLY C 133 -2.64 26.79 -23.53
N LYS C 134 -2.43 26.09 -22.42
CA LYS C 134 -1.22 26.21 -21.60
C LYS C 134 -0.15 25.32 -22.18
N THR C 135 1.10 25.78 -22.21
CA THR C 135 2.20 24.91 -22.58
C THR C 135 2.32 23.80 -21.54
N VAL C 136 2.97 22.71 -21.93
CA VAL C 136 3.16 21.62 -20.97
C VAL C 136 3.95 22.10 -19.75
N GLU C 137 4.93 22.99 -19.91
CA GLU C 137 5.76 23.37 -18.76
C GLU C 137 4.97 24.29 -17.81
N THR C 138 4.01 25.04 -18.35
CA THR C 138 3.03 25.76 -17.48
C THR C 138 2.15 24.76 -16.67
N GLN C 139 1.66 23.72 -17.35
CA GLN C 139 0.90 22.64 -16.65
C GLN C 139 1.74 22.03 -15.53
N VAL C 140 2.99 21.74 -15.81
CA VAL C 140 3.93 21.24 -14.77
C VAL C 140 4.02 22.24 -13.61
N ALA C 141 4.18 23.51 -13.92
CA ALA C 141 4.38 24.50 -12.87
C ALA C 141 3.12 24.62 -12.00
N GLU C 142 1.93 24.55 -12.58
CA GLU C 142 0.71 24.69 -11.83
C GLU C 142 0.37 23.40 -11.06
N LEU C 143 0.38 22.21 -11.73
CA LEU C 143 -0.11 20.97 -11.11
C LEU C 143 0.95 20.47 -10.13
N ILE C 144 2.22 20.46 -10.52
CA ILE C 144 3.22 19.98 -9.60
C ILE C 144 3.58 21.10 -8.61
N GLY C 145 3.59 22.36 -9.03
CA GLY C 145 3.82 23.48 -8.08
C GLY C 145 2.80 23.60 -6.96
N THR C 146 1.51 23.77 -7.28
CA THR C 146 0.51 23.91 -6.21
C THR C 146 0.39 22.65 -5.38
N ASN C 147 0.36 21.45 -6.00
CA ASN C 147 0.01 20.23 -5.25
CA ASN C 147 -0.01 20.26 -5.23
C ASN C 147 1.19 19.66 -4.47
N ALA C 148 2.43 20.02 -4.86
CA ALA C 148 3.58 19.39 -4.22
C ALA C 148 4.71 20.36 -3.83
N ILE C 149 5.15 21.22 -4.73
CA ILE C 149 6.33 22.06 -4.44
CA ILE C 149 6.31 22.07 -4.46
C ILE C 149 5.97 23.15 -3.42
N ALA C 150 4.83 23.79 -3.61
CA ALA C 150 4.37 24.81 -2.59
C ALA C 150 4.23 24.17 -1.20
N PRO C 151 3.60 22.96 -1.09
CA PRO C 151 3.56 22.34 0.22
C PRO C 151 4.95 22.07 0.77
N PHE C 152 5.88 21.65 -0.10
CA PHE C 152 7.25 21.42 0.38
C PHE C 152 7.89 22.73 0.93
N LEU C 153 7.77 23.81 0.16
CA LEU C 153 8.38 25.08 0.58
C LEU C 153 7.71 25.65 1.82
N LEU C 154 6.36 25.56 1.87
CA LEU C 154 5.62 26.00 3.06
C LEU C 154 6.07 25.19 4.28
N THR C 155 6.26 23.87 4.10
CA THR C 155 6.69 23.02 5.20
C THR C 155 8.10 23.46 5.67
N MET C 156 9.01 23.75 4.72
CA MET C 156 10.38 24.22 5.09
CA MET C 156 10.36 24.21 5.08
C MET C 156 10.27 25.53 5.88
N SER C 157 9.51 26.49 5.36
CA SER C 157 9.36 27.79 6.07
C SER C 157 8.76 27.62 7.46
N PHE C 158 7.67 26.83 7.54
CA PHE C 158 6.97 26.58 8.80
C PHE C 158 7.97 25.99 9.83
N ALA C 159 8.71 24.94 9.44
CA ALA C 159 9.65 24.26 10.36
C ALA C 159 10.79 25.21 10.77
N GLN C 160 11.30 25.98 9.82
CA GLN C 160 12.47 26.87 10.06
C GLN C 160 12.10 27.93 11.11
N ARG C 161 10.85 28.42 11.08
CA ARG C 161 10.39 29.49 11.98
C ARG C 161 10.06 28.90 13.36
N GLN C 162 10.11 27.59 13.58
CA GLN C 162 9.87 27.07 14.93
C GLN C 162 11.20 26.94 15.67
N SER C 171 3.14 21.56 26.36
CA SER C 171 3.57 22.75 25.62
C SER C 171 2.77 22.87 24.30
N SER C 172 3.49 22.96 23.17
CA SER C 172 2.94 23.25 21.84
C SER C 172 2.23 22.03 21.25
N ASN C 173 1.34 22.24 20.29
CA ASN C 173 0.85 21.08 19.49
C ASN C 173 0.97 21.51 18.01
N LEU C 174 2.17 21.39 17.48
CA LEU C 174 2.49 21.85 16.12
C LEU C 174 2.21 20.71 15.13
N SER C 175 1.50 21.03 14.07
CA SER C 175 1.34 19.98 13.01
C SER C 175 0.99 20.59 11.65
N ILE C 176 1.18 19.73 10.64
CA ILE C 176 0.87 20.09 9.25
C ILE C 176 -0.13 19.04 8.76
N VAL C 177 -1.13 19.46 7.99
CA VAL C 177 -2.06 18.52 7.37
C VAL C 177 -2.07 18.80 5.86
N ASN C 178 -1.82 17.76 5.05
CA ASN C 178 -1.77 17.88 3.64
C ASN C 178 -3.05 17.29 3.04
N LEU C 179 -3.73 18.00 2.15
CA LEU C 179 -4.94 17.46 1.45
C LEU C 179 -4.47 16.62 0.27
N CYS C 180 -4.67 15.31 0.45
CA CYS C 180 -4.23 14.27 -0.46
C CYS C 180 -5.40 13.81 -1.33
N ASP C 181 -5.40 12.59 -1.88
CA ASP C 181 -6.51 12.18 -2.76
C ASP C 181 -6.64 10.67 -2.60
N ALA C 182 -7.82 10.22 -2.16
CA ALA C 182 -7.96 8.77 -1.85
C ALA C 182 -7.83 7.94 -3.12
N MET C 183 -7.98 8.55 -4.30
CA MET C 183 -8.00 7.75 -5.57
C MET C 183 -6.66 7.81 -6.30
N VAL C 184 -5.59 8.13 -5.54
CA VAL C 184 -4.21 8.27 -6.07
C VAL C 184 -3.73 6.97 -6.75
N ASP C 185 -4.19 5.82 -6.29
CA ASP C 185 -3.82 4.57 -6.98
C ASP C 185 -4.81 4.02 -7.98
N GLN C 186 -5.95 4.70 -8.23
CA GLN C 186 -6.91 4.34 -9.25
C GLN C 186 -7.30 5.64 -9.96
N PRO C 187 -6.32 6.21 -10.64
CA PRO C 187 -6.45 7.63 -11.03
C PRO C 187 -7.46 7.85 -12.19
N CYS C 188 -7.90 9.09 -12.33
CA CYS C 188 -8.76 9.41 -13.46
C CYS C 188 -7.92 9.42 -14.75
N MET C 189 -8.54 8.96 -15.83
CA MET C 189 -7.90 8.85 -17.14
C MET C 189 -7.42 10.25 -17.59
N ALA C 190 -6.19 10.31 -18.07
CA ALA C 190 -5.57 11.52 -18.64
C ALA C 190 -5.26 12.59 -17.58
N PHE C 191 -5.17 12.22 -16.30
CA PHE C 191 -4.73 13.15 -15.21
C PHE C 191 -3.31 12.82 -14.70
N SER C 192 -2.31 12.51 -15.59
CA SER C 192 -1.00 12.06 -15.10
CA SER C 192 -0.97 12.08 -15.13
C SER C 192 -0.31 13.13 -14.23
N LEU C 193 -0.25 14.39 -14.67
CA LEU C 193 0.49 15.38 -13.86
C LEU C 193 -0.17 15.63 -12.50
N TYR C 194 -1.49 15.75 -12.48
CA TYR C 194 -2.21 15.89 -11.22
C TYR C 194 -1.89 14.70 -10.31
N ASN C 195 -1.98 13.49 -10.87
CA ASN C 195 -1.73 12.27 -10.05
C ASN C 195 -0.28 12.27 -9.56
N MET C 196 0.66 12.65 -10.45
CA MET C 196 2.05 12.73 -10.01
C MET C 196 2.18 13.66 -8.80
N GLY C 197 1.57 14.83 -8.88
CA GLY C 197 1.64 15.86 -7.81
C GLY C 197 1.07 15.32 -6.49
N LYS C 198 -0.06 14.62 -6.57
CA LYS C 198 -0.65 14.06 -5.33
C LYS C 198 0.21 12.91 -4.78
N HIS C 199 0.83 12.12 -5.67
CA HIS C 199 1.76 11.08 -5.16
C HIS C 199 2.97 11.72 -4.50
N ALA C 200 3.52 12.80 -5.13
CA ALA C 200 4.65 13.50 -4.51
C ALA C 200 4.23 14.06 -3.13
N LEU C 201 2.96 14.49 -3.00
CA LEU C 201 2.49 15.03 -1.69
C LEU C 201 2.43 13.91 -0.64
N VAL C 202 2.12 12.66 -1.02
CA VAL C 202 2.20 11.53 -0.05
C VAL C 202 3.68 11.36 0.40
N GLY C 203 4.60 11.41 -0.59
CA GLY C 203 6.02 11.34 -0.24
C GLY C 203 6.44 12.46 0.71
N LEU C 204 5.99 13.69 0.45
CA LEU C 204 6.35 14.78 1.37
C LEU C 204 5.78 14.52 2.77
N THR C 205 4.53 14.01 2.84
CA THR C 205 3.87 13.74 4.12
C THR C 205 4.76 12.79 4.95
N GLN C 206 5.21 11.70 4.33
CA GLN C 206 5.99 10.68 5.04
C GLN C 206 7.39 11.23 5.36
N SER C 207 8.09 11.86 4.39
CA SER C 207 9.44 12.35 4.58
C SER C 207 9.50 13.44 5.66
N ALA C 208 8.56 14.37 5.59
CA ALA C 208 8.52 15.44 6.57
C ALA C 208 8.08 14.91 7.94
N ALA C 209 7.14 13.96 7.99
CA ALA C 209 6.81 13.38 9.31
C ALA C 209 8.08 12.81 9.96
N LEU C 210 8.86 12.05 9.20
CA LEU C 210 10.12 11.47 9.79
C LEU C 210 11.08 12.56 10.25
N GLU C 211 11.32 13.55 9.38
CA GLU C 211 12.41 14.53 9.60
C GLU C 211 12.00 15.57 10.65
N LEU C 212 10.71 15.86 10.79
CA LEU C 212 10.28 16.90 11.75
C LEU C 212 9.82 16.32 13.08
N ALA C 213 9.74 15.00 13.20
CA ALA C 213 9.33 14.37 14.46
C ALA C 213 10.21 14.83 15.63
N PRO C 214 11.54 14.99 15.43
CA PRO C 214 12.41 15.46 16.53
C PRO C 214 12.02 16.85 17.05
N TYR C 215 11.40 17.69 16.21
CA TYR C 215 11.00 19.04 16.58
C TYR C 215 9.59 19.04 17.21
N GLY C 216 8.98 17.88 17.35
CA GLY C 216 7.60 17.78 17.83
C GLY C 216 6.58 18.25 16.80
N ILE C 217 6.98 18.33 15.51
CA ILE C 217 6.04 18.74 14.46
C ILE C 217 5.47 17.47 13.83
N ARG C 218 4.15 17.25 13.95
CA ARG C 218 3.49 16.09 13.29
C ARG C 218 3.08 16.48 11.85
N VAL C 219 3.10 15.51 10.92
CA VAL C 219 2.73 15.79 9.54
C VAL C 219 1.83 14.64 9.08
N ASN C 220 0.60 14.99 8.66
CA ASN C 220 -0.38 13.99 8.35
C ASN C 220 -1.15 14.44 7.12
N GLY C 221 -1.99 13.54 6.60
CA GLY C 221 -2.83 13.85 5.45
C GLY C 221 -4.30 13.48 5.65
N VAL C 222 -5.17 14.16 4.88
CA VAL C 222 -6.59 13.81 4.71
C VAL C 222 -6.85 13.62 3.23
N ALA C 223 -7.40 12.46 2.86
CA ALA C 223 -7.56 12.09 1.46
C ALA C 223 -9.05 11.98 1.14
N PRO C 224 -9.65 13.00 0.54
CA PRO C 224 -11.04 12.90 0.09
C PRO C 224 -11.16 11.99 -1.14
N GLY C 225 -12.36 11.46 -1.34
CA GLY C 225 -12.68 10.71 -2.56
C GLY C 225 -13.37 11.63 -3.50
N VAL C 226 -14.71 11.63 -3.47
CA VAL C 226 -15.49 12.70 -4.06
CA VAL C 226 -15.41 12.75 -4.05
C VAL C 226 -16.05 13.56 -2.91
N SER C 227 -15.69 14.82 -2.92
CA SER C 227 -16.28 15.79 -2.02
C SER C 227 -16.98 16.80 -2.92
N LEU C 228 -16.96 18.11 -2.61
CA LEU C 228 -17.57 19.10 -3.55
C LEU C 228 -17.03 18.92 -4.98
N LEU C 229 -17.94 18.60 -5.90
CA LEU C 229 -17.54 18.37 -7.30
C LEU C 229 -17.13 19.71 -7.92
N PRO C 230 -16.17 19.68 -8.85
CA PRO C 230 -15.79 20.94 -9.55
C PRO C 230 -17.02 21.66 -10.14
N VAL C 231 -17.04 22.98 -9.95
CA VAL C 231 -18.09 23.89 -10.44
C VAL C 231 -18.34 23.64 -11.93
N ALA C 232 -17.26 23.43 -12.70
CA ALA C 232 -17.32 23.24 -14.17
C ALA C 232 -18.02 21.93 -14.54
N MET C 233 -17.96 20.91 -13.68
CA MET C 233 -18.49 19.57 -14.01
C MET C 233 -20.01 19.66 -14.24
N GLY C 234 -20.49 18.96 -15.27
CA GLY C 234 -21.92 18.90 -15.53
C GLY C 234 -22.65 18.06 -14.50
N GLU C 235 -23.92 18.37 -14.30
CA GLU C 235 -24.82 17.70 -13.33
C GLU C 235 -24.88 16.18 -13.54
N GLU C 236 -24.94 15.73 -14.79
CA GLU C 236 -25.08 14.27 -15.06
C GLU C 236 -23.79 13.53 -14.65
N GLU C 237 -22.63 14.12 -14.94
CA GLU C 237 -21.30 13.57 -14.58
C GLU C 237 -21.15 13.57 -13.04
N LYS C 238 -21.65 14.62 -12.35
CA LYS C 238 -21.66 14.67 -10.86
C LYS C 238 -22.44 13.47 -10.32
N ASP C 239 -23.62 13.22 -10.88
CA ASP C 239 -24.46 12.11 -10.39
C ASP C 239 -23.86 10.73 -10.61
N LYS C 240 -23.13 10.58 -11.73
CA LYS C 240 -22.46 9.32 -12.04
C LYS C 240 -21.45 9.00 -10.91
N TRP C 241 -20.73 10.03 -10.46
CA TRP C 241 -19.72 9.84 -9.36
C TRP C 241 -20.42 9.55 -8.02
N ARG C 242 -21.43 10.35 -7.65
CA ARG C 242 -22.15 10.12 -6.39
C ARG C 242 -22.66 8.68 -6.32
N ARG C 243 -23.15 8.14 -7.43
CA ARG C 243 -23.74 6.80 -7.48
C ARG C 243 -22.68 5.72 -7.19
N LYS C 244 -21.39 6.02 -7.32
CA LYS C 244 -20.31 5.00 -7.13
C LYS C 244 -19.99 4.81 -5.63
N VAL C 245 -20.39 5.77 -4.79
CA VAL C 245 -19.94 5.79 -3.37
C VAL C 245 -20.76 4.81 -2.55
N PRO C 246 -20.14 3.80 -1.92
CA PRO C 246 -20.90 2.83 -1.09
C PRO C 246 -21.69 3.47 0.06
N LEU C 247 -21.10 4.42 0.76
CA LEU C 247 -21.71 4.96 1.95
C LEU C 247 -22.63 6.15 1.58
N GLY C 248 -23.85 5.84 1.13
CA GLY C 248 -24.93 6.87 0.95
C GLY C 248 -25.01 7.41 -0.45
N ARG C 249 -24.16 6.96 -1.37
CA ARG C 249 -24.31 7.32 -2.81
C ARG C 249 -24.30 8.85 -2.97
N ARG C 250 -23.46 9.52 -2.19
CA ARG C 250 -23.36 10.97 -2.24
C ARG C 250 -21.92 11.37 -2.00
N GLU C 251 -21.60 12.63 -2.33
CA GLU C 251 -20.22 13.18 -2.07
C GLU C 251 -20.10 13.61 -0.60
N ALA C 252 -18.84 13.70 -0.12
CA ALA C 252 -18.57 14.24 1.23
C ALA C 252 -18.95 15.72 1.20
N SER C 253 -19.51 16.22 2.28
CA SER C 253 -19.55 17.68 2.39
C SER C 253 -18.14 18.20 2.67
N ALA C 254 -17.93 19.50 2.47
CA ALA C 254 -16.64 20.08 2.85
C ALA C 254 -16.43 19.95 4.37
N GLU C 255 -17.50 20.02 5.16
CA GLU C 255 -17.36 19.99 6.61
CA GLU C 255 -17.42 19.98 6.62
C GLU C 255 -16.91 18.60 7.10
N GLN C 256 -17.30 17.55 6.38
CA GLN C 256 -16.88 16.16 6.71
C GLN C 256 -15.38 16.03 6.45
N ILE C 257 -14.90 16.64 5.37
CA ILE C 257 -13.40 16.70 5.19
C ILE C 257 -12.75 17.49 6.32
N ALA C 258 -13.30 18.67 6.63
CA ALA C 258 -12.73 19.49 7.71
C ALA C 258 -12.68 18.80 9.07
N ASP C 259 -13.69 17.99 9.37
CA ASP C 259 -13.73 17.23 10.63
C ASP C 259 -12.46 16.35 10.80
N ALA C 260 -12.01 15.71 9.72
CA ALA C 260 -10.77 14.90 9.84
C ALA C 260 -9.52 15.77 10.05
N VAL C 261 -9.51 16.94 9.42
CA VAL C 261 -8.41 17.89 9.66
C VAL C 261 -8.39 18.29 11.14
N ILE C 262 -9.56 18.65 11.68
CA ILE C 262 -9.68 19.09 13.10
C ILE C 262 -9.19 17.98 14.04
N PHE C 263 -9.55 16.71 13.73
CA PHE C 263 -9.04 15.61 14.56
C PHE C 263 -7.49 15.58 14.53
N LEU C 264 -6.92 15.64 13.31
CA LEU C 264 -5.45 15.46 13.21
C LEU C 264 -4.69 16.61 13.85
N VAL C 265 -5.26 17.83 13.92
CA VAL C 265 -4.51 18.91 14.61
C VAL C 265 -4.74 18.90 16.14
N SER C 266 -5.70 18.13 16.61
CA SER C 266 -6.16 18.16 18.00
C SER C 266 -5.18 17.40 18.92
N GLY C 267 -5.36 17.58 20.26
CA GLY C 267 -4.63 16.79 21.25
C GLY C 267 -5.01 15.31 21.20
N SER C 268 -6.13 14.94 20.59
CA SER C 268 -6.53 13.50 20.42
C SER C 268 -5.68 12.79 19.35
N ALA C 269 -4.78 13.53 18.68
CA ALA C 269 -3.94 12.89 17.63
C ALA C 269 -2.46 13.10 17.93
N GLN C 270 -2.13 13.32 19.21
CA GLN C 270 -0.74 13.73 19.53
C GLN C 270 0.33 12.67 19.26
N TYR C 271 -0.05 11.40 19.07
CA TYR C 271 0.94 10.36 18.72
C TYR C 271 0.85 10.04 17.22
N ILE C 272 -0.01 10.70 16.46
CA ILE C 272 -0.24 10.37 15.03
C ILE C 272 0.66 11.27 14.15
N THR C 273 1.55 10.63 13.39
CA THR C 273 2.32 11.37 12.40
C THR C 273 2.63 10.42 11.24
N GLY C 274 2.64 10.97 10.03
CA GLY C 274 2.86 10.12 8.84
C GLY C 274 1.60 9.36 8.40
N SER C 275 0.43 9.67 8.95
CA SER C 275 -0.81 8.97 8.63
C SER C 275 -1.63 9.78 7.65
N ILE C 276 -2.25 9.07 6.73
CA ILE C 276 -3.17 9.70 5.78
C ILE C 276 -4.55 9.07 6.02
N ILE C 277 -5.49 9.87 6.48
CA ILE C 277 -6.85 9.38 6.75
C ILE C 277 -7.73 9.55 5.49
N LYS C 278 -8.16 8.44 4.90
N LYS C 278 -8.22 8.45 4.96
CA LYS C 278 -9.16 8.53 3.84
CA LYS C 278 -9.08 8.50 3.79
C LYS C 278 -10.49 9.02 4.41
C LYS C 278 -10.53 8.83 4.22
N VAL C 279 -11.15 9.86 3.62
CA VAL C 279 -12.52 10.31 3.95
C VAL C 279 -13.30 10.24 2.64
N ASP C 280 -13.63 9.00 2.25
CA ASP C 280 -14.12 8.73 0.90
C ASP C 280 -15.36 7.86 0.85
N GLY C 281 -15.97 7.56 1.99
CA GLY C 281 -17.32 6.84 1.89
C GLY C 281 -17.13 5.45 1.31
N GLY C 282 -15.88 4.93 1.32
CA GLY C 282 -15.59 3.60 0.73
C GLY C 282 -15.29 3.59 -0.76
N LEU C 283 -15.21 4.77 -1.42
CA LEU C 283 -15.17 4.80 -2.91
C LEU C 283 -13.93 4.07 -3.41
N SER C 284 -12.80 4.19 -2.68
CA SER C 284 -11.54 3.60 -3.15
C SER C 284 -11.56 2.06 -3.02
N LEU C 285 -12.52 1.50 -2.31
CA LEU C 285 -12.60 0.03 -2.19
C LEU C 285 -13.38 -0.60 -3.35
N VAL C 286 -13.97 0.22 -4.24
CA VAL C 286 -14.92 -0.28 -5.21
C VAL C 286 -14.16 -0.70 -6.48
N HIS C 287 -14.26 -1.97 -6.87
CA HIS C 287 -13.60 -2.40 -8.12
C HIS C 287 -14.33 -1.86 -9.37
N ALA C 288 -13.64 -1.93 -10.49
CA ALA C 288 -14.12 -1.43 -11.80
C ALA C 288 -15.40 -2.15 -12.22
N GLU D 22 -32.09 6.52 24.07
CA GLU D 22 -31.26 6.51 25.32
C GLU D 22 -29.78 6.47 24.94
N ALA D 23 -28.90 6.01 25.85
CA ALA D 23 -27.46 5.98 25.57
C ALA D 23 -27.16 4.84 24.60
N PRO D 24 -26.28 5.10 23.63
CA PRO D 24 -25.83 3.98 22.75
C PRO D 24 -25.05 2.91 23.53
N ALA D 25 -24.83 1.72 22.89
CA ALA D 25 -24.08 0.65 23.56
C ALA D 25 -22.97 0.13 22.63
N ALA D 26 -21.89 -0.29 23.29
CA ALA D 26 -20.68 -0.81 22.56
C ALA D 26 -20.21 -2.12 23.17
N VAL D 27 -19.73 -3.03 22.32
CA VAL D 27 -18.99 -4.20 22.76
C VAL D 27 -17.50 -3.93 22.52
N VAL D 28 -16.68 -4.20 23.52
CA VAL D 28 -15.18 -4.13 23.37
C VAL D 28 -14.63 -5.49 23.74
N THR D 29 -13.96 -6.18 22.77
CA THR D 29 -13.35 -7.48 23.12
C THR D 29 -12.00 -7.31 23.81
N GLY D 30 -11.68 -8.25 24.71
CA GLY D 30 -10.43 -8.16 25.47
C GLY D 30 -10.34 -6.83 26.21
N ALA D 31 -11.42 -6.46 26.89
CA ALA D 31 -11.52 -5.09 27.48
C ALA D 31 -11.08 -5.03 28.95
N ALA D 32 -10.63 -6.13 29.52
CA ALA D 32 -10.26 -6.12 31.01
C ALA D 32 -8.97 -5.34 31.31
N LYS D 33 -8.04 -5.28 30.36
CA LYS D 33 -6.73 -4.73 30.64
C LYS D 33 -6.25 -3.89 29.46
N ARG D 34 -5.24 -3.06 29.72
CA ARG D 34 -4.39 -2.46 28.67
C ARG D 34 -5.25 -1.67 27.67
N ILE D 35 -5.06 -1.91 26.35
CA ILE D 35 -5.67 -0.98 25.37
C ILE D 35 -7.19 -1.17 25.38
N GLY D 36 -7.68 -2.41 25.48
CA GLY D 36 -9.14 -2.60 25.42
C GLY D 36 -9.83 -1.96 26.62
N ARG D 37 -9.15 -1.99 27.77
CA ARG D 37 -9.69 -1.30 28.96
C ARG D 37 -9.77 0.20 28.69
N ALA D 38 -8.68 0.80 28.16
CA ALA D 38 -8.67 2.22 27.87
C ALA D 38 -9.77 2.60 26.88
N ILE D 39 -10.07 1.75 25.87
CA ILE D 39 -11.16 1.99 24.93
C ILE D 39 -12.51 1.94 25.66
N ALA D 40 -12.71 0.93 26.52
CA ALA D 40 -14.00 0.80 27.21
C ALA D 40 -14.23 2.03 28.10
N VAL D 41 -13.17 2.43 28.82
CA VAL D 41 -13.27 3.65 29.67
C VAL D 41 -13.64 4.89 28.86
N LYS D 42 -12.96 5.13 27.71
CA LYS D 42 -13.22 6.36 26.96
CA LYS D 42 -13.21 6.36 26.97
C LYS D 42 -14.60 6.30 26.29
N LEU D 43 -15.02 5.12 25.79
CA LEU D 43 -16.40 5.04 25.26
C LEU D 43 -17.40 5.40 26.39
N HIS D 44 -17.16 4.84 27.56
CA HIS D 44 -18.08 5.07 28.72
C HIS D 44 -18.10 6.57 29.05
N GLN D 45 -16.92 7.19 29.06
CA GLN D 45 -16.84 8.67 29.34
C GLN D 45 -17.59 9.49 28.30
N THR D 46 -17.75 8.95 27.09
CA THR D 46 -18.35 9.61 25.97
C THR D 46 -19.87 9.45 26.04
N GLY D 47 -20.37 8.53 26.87
CA GLY D 47 -21.82 8.35 26.92
C GLY D 47 -22.30 6.93 26.63
N TYR D 48 -21.40 6.02 26.22
CA TYR D 48 -21.81 4.64 25.89
C TYR D 48 -22.03 3.79 27.16
N ARG D 49 -22.98 2.88 27.04
CA ARG D 49 -23.04 1.66 27.87
C ARG D 49 -22.10 0.60 27.22
N VAL D 50 -21.41 -0.21 28.03
CA VAL D 50 -20.34 -1.09 27.51
CA VAL D 50 -20.34 -1.08 27.50
C VAL D 50 -20.51 -2.53 27.96
N VAL D 51 -20.29 -3.46 27.01
CA VAL D 51 -20.00 -4.84 27.33
C VAL D 51 -18.49 -5.02 27.35
N ILE D 52 -17.99 -5.47 28.49
CA ILE D 52 -16.57 -5.72 28.73
C ILE D 52 -16.34 -7.21 28.51
N HIS D 53 -15.97 -7.61 27.29
CA HIS D 53 -15.63 -9.00 27.05
C HIS D 53 -14.23 -9.35 27.64
N TYR D 54 -14.10 -10.56 28.19
CA TYR D 54 -12.81 -11.03 28.64
C TYR D 54 -12.74 -12.56 28.43
N HIS D 55 -11.54 -13.13 28.53
CA HIS D 55 -11.35 -14.57 28.44
C HIS D 55 -10.87 -15.07 29.81
N ASN D 56 -9.64 -14.74 30.18
CA ASN D 56 -9.10 -15.22 31.47
C ASN D 56 -9.16 -14.15 32.57
N SER D 57 -9.27 -12.87 32.25
CA SER D 57 -9.05 -11.85 33.26
C SER D 57 -10.38 -11.48 33.94
N ALA D 58 -10.94 -12.42 34.69
CA ALA D 58 -12.29 -12.21 35.28
C ALA D 58 -12.24 -11.14 36.36
N GLU D 59 -11.23 -11.15 37.25
CA GLU D 59 -11.18 -10.15 38.37
C GLU D 59 -11.08 -8.73 37.83
N ALA D 60 -10.18 -8.50 36.85
CA ALA D 60 -9.98 -7.19 36.23
C ALA D 60 -11.25 -6.72 35.48
N ALA D 61 -11.91 -7.64 34.76
CA ALA D 61 -13.18 -7.35 34.03
C ALA D 61 -14.26 -6.86 35.00
N VAL D 62 -14.52 -7.63 36.06
CA VAL D 62 -15.56 -7.30 37.07
C VAL D 62 -15.16 -6.01 37.80
N SER D 63 -13.89 -5.82 38.06
CA SER D 63 -13.46 -4.61 38.72
C SER D 63 -13.71 -3.38 37.83
N LEU D 64 -13.44 -3.48 36.51
CA LEU D 64 -13.73 -2.32 35.62
C LEU D 64 -15.24 -2.06 35.58
N ALA D 65 -16.07 -3.11 35.43
CA ALA D 65 -17.51 -2.96 35.33
C ALA D 65 -18.02 -2.25 36.61
N ASP D 66 -17.44 -2.65 37.74
CA ASP D 66 -17.79 -2.02 39.06
C ASP D 66 -17.51 -0.52 39.05
N GLU D 67 -16.33 -0.15 38.55
CA GLU D 67 -15.90 1.25 38.46
C GLU D 67 -16.85 2.04 37.55
N LEU D 68 -17.18 1.50 36.37
CA LEU D 68 -18.05 2.22 35.42
C LEU D 68 -19.48 2.34 35.96
N ASN D 69 -19.98 1.30 36.61
CA ASN D 69 -21.36 1.31 37.15
C ASN D 69 -21.43 2.24 38.38
N LYS D 70 -20.35 2.34 39.16
CA LYS D 70 -20.32 3.35 40.28
C LYS D 70 -20.48 4.75 39.70
N GLU D 71 -19.95 4.98 38.49
CA GLU D 71 -20.03 6.27 37.83
C GLU D 71 -21.45 6.49 37.25
N ARG D 72 -22.00 5.55 36.49
CA ARG D 72 -23.42 5.63 36.06
C ARG D 72 -24.04 4.24 36.22
N SER D 73 -25.05 4.05 37.07
CA SER D 73 -25.57 2.69 37.32
CA SER D 73 -25.55 2.66 37.32
C SER D 73 -26.09 2.04 36.03
N ASN D 74 -25.90 0.73 35.91
CA ASN D 74 -26.49 -0.10 34.85
C ASN D 74 -25.94 0.33 33.48
N THR D 75 -24.65 0.63 33.43
CA THR D 75 -24.06 1.06 32.16
C THR D 75 -22.93 0.11 31.71
N ALA D 76 -22.63 -0.94 32.47
CA ALA D 76 -21.50 -1.86 32.19
C ALA D 76 -21.87 -3.29 32.58
N VAL D 77 -21.57 -4.23 31.69
CA VAL D 77 -21.68 -5.69 32.02
C VAL D 77 -20.41 -6.36 31.53
N VAL D 78 -20.08 -7.55 32.06
CA VAL D 78 -18.98 -8.37 31.55
C VAL D 78 -19.56 -9.54 30.74
N CYS D 79 -18.77 -10.08 29.83
CA CYS D 79 -19.20 -11.26 29.07
C CYS D 79 -17.94 -12.10 28.82
N GLN D 80 -17.90 -13.35 29.29
CA GLN D 80 -16.71 -14.21 29.19
C GLN D 80 -16.80 -15.05 27.90
N ALA D 81 -15.70 -15.11 27.13
CA ALA D 81 -15.63 -16.03 25.96
C ALA D 81 -14.19 -16.24 25.49
N ASP D 82 -13.95 -17.45 24.98
CA ASP D 82 -12.68 -17.82 24.41
C ASP D 82 -12.84 -17.60 22.90
N LEU D 83 -12.00 -16.74 22.33
CA LEU D 83 -12.11 -16.39 20.90
C LEU D 83 -11.13 -17.22 20.03
N THR D 84 -10.57 -18.31 20.57
CA THR D 84 -9.84 -19.30 19.76
C THR D 84 -10.79 -19.89 18.71
N ASN D 85 -10.28 -20.16 17.48
CA ASN D 85 -11.13 -20.75 16.46
C ASN D 85 -11.51 -22.19 16.88
N SER D 86 -12.78 -22.53 16.62
CA SER D 86 -13.31 -23.90 16.81
C SER D 86 -14.70 -23.95 16.17
N ASN D 87 -15.31 -25.14 16.19
CA ASN D 87 -16.66 -25.21 15.63
C ASN D 87 -17.71 -24.53 16.53
N VAL D 88 -17.36 -24.13 17.76
CA VAL D 88 -18.31 -23.38 18.63
C VAL D 88 -17.97 -21.88 18.66
N LEU D 89 -16.91 -21.46 17.97
CA LEU D 89 -16.63 -20.01 17.99
C LEU D 89 -17.80 -19.17 17.44
N PRO D 90 -18.51 -19.60 16.39
CA PRO D 90 -19.66 -18.79 15.95
C PRO D 90 -20.72 -18.57 17.02
N ALA D 91 -21.03 -19.62 17.78
CA ALA D 91 -21.92 -19.49 18.88
C ALA D 91 -21.39 -18.52 19.95
N SER D 92 -20.10 -18.57 20.27
CA SER D 92 -19.53 -17.67 21.29
C SER D 92 -19.64 -16.20 20.84
N CYS D 93 -19.41 -16.00 19.54
CA CYS D 93 -19.45 -14.63 19.00
C CYS D 93 -20.91 -14.14 18.96
N GLU D 94 -21.84 -14.99 18.58
CA GLU D 94 -23.27 -14.63 18.63
CA GLU D 94 -23.26 -14.65 18.64
C GLU D 94 -23.63 -14.26 20.08
N GLU D 95 -23.11 -14.99 21.07
CA GLU D 95 -23.41 -14.73 22.49
C GLU D 95 -22.89 -13.38 22.95
N ILE D 96 -21.69 -12.99 22.50
CA ILE D 96 -21.15 -11.69 22.87
C ILE D 96 -22.06 -10.56 22.37
N ILE D 97 -22.54 -10.65 21.13
CA ILE D 97 -23.43 -9.62 20.60
C ILE D 97 -24.79 -9.71 21.31
N ASN D 98 -25.25 -10.94 21.54
CA ASN D 98 -26.55 -11.12 22.23
C ASN D 98 -26.47 -10.51 23.64
N SER D 99 -25.31 -10.61 24.33
CA SER D 99 -25.14 -10.05 25.69
CA SER D 99 -25.18 -10.06 25.68
C SER D 99 -25.40 -8.54 25.69
N CYS D 100 -24.99 -7.85 24.61
CA CYS D 100 -25.21 -6.42 24.53
C CYS D 100 -26.69 -6.12 24.35
N PHE D 101 -27.37 -6.88 23.51
CA PHE D 101 -28.82 -6.64 23.34
C PHE D 101 -29.58 -6.99 24.63
N ARG D 102 -29.15 -8.04 25.31
CA ARG D 102 -29.79 -8.46 26.60
CA ARG D 102 -29.84 -8.43 26.57
C ARG D 102 -29.69 -7.34 27.64
N ALA D 103 -28.48 -6.81 27.85
CA ALA D 103 -28.27 -5.78 28.85
C ALA D 103 -28.86 -4.45 28.42
N PHE D 104 -28.72 -4.05 27.15
CA PHE D 104 -28.95 -2.65 26.83
C PHE D 104 -30.00 -2.42 25.75
N GLY D 105 -30.45 -3.46 25.06
CA GLY D 105 -31.55 -3.37 24.08
C GLY D 105 -31.09 -2.90 22.71
N ARG D 106 -29.76 -2.72 22.53
CA ARG D 106 -29.20 -2.22 21.25
C ARG D 106 -27.69 -2.50 21.24
N CYS D 107 -27.08 -2.37 20.07
CA CYS D 107 -25.60 -2.55 20.00
C CYS D 107 -25.15 -1.68 18.83
N ASP D 108 -24.54 -0.55 19.17
CA ASP D 108 -24.21 0.48 18.16
C ASP D 108 -22.78 0.36 17.63
N VAL D 109 -21.90 -0.10 18.50
CA VAL D 109 -20.43 -0.11 18.20
C VAL D 109 -19.87 -1.48 18.58
N LEU D 110 -19.06 -2.06 17.68
CA LEU D 110 -18.23 -3.25 18.04
C LEU D 110 -16.76 -2.84 17.89
N VAL D 111 -15.98 -3.07 18.94
CA VAL D 111 -14.49 -2.88 18.86
C VAL D 111 -13.84 -4.26 18.96
N ASN D 112 -13.15 -4.66 17.87
CA ASN D 112 -12.44 -5.94 17.82
C ASN D 112 -11.00 -5.71 18.28
N ASN D 113 -10.76 -5.81 19.60
CA ASN D 113 -9.51 -5.51 20.21
C ASN D 113 -8.79 -6.79 20.66
N ALA D 114 -9.49 -7.86 21.10
CA ALA D 114 -8.82 -9.04 21.70
C ALA D 114 -7.80 -9.63 20.71
N SER D 115 -6.71 -10.15 21.25
CA SER D 115 -5.65 -10.65 20.33
C SER D 115 -4.65 -11.55 21.06
N ALA D 116 -4.37 -12.72 20.46
CA ALA D 116 -3.18 -13.52 20.83
C ALA D 116 -1.97 -13.04 20.04
N PHE D 117 -0.80 -13.07 20.70
CA PHE D 117 0.42 -12.53 20.12
C PHE D 117 1.62 -13.30 20.67
N TYR D 118 2.28 -14.12 19.86
CA TYR D 118 3.48 -14.85 20.29
C TYR D 118 4.10 -15.44 19.02
N PRO D 119 5.37 -15.78 19.08
CA PRO D 119 6.04 -16.25 17.90
C PRO D 119 5.68 -17.70 17.54
N THR D 120 5.75 -17.97 16.23
CA THR D 120 5.45 -19.27 15.62
C THR D 120 6.53 -19.48 14.55
N PRO D 121 7.78 -19.85 14.95
CA PRO D 121 8.87 -19.95 13.96
C PRO D 121 8.55 -21.01 12.90
N LEU D 122 9.00 -20.75 11.66
CA LEU D 122 8.77 -21.70 10.55
C LEU D 122 9.73 -22.88 10.63
N VAL D 123 10.94 -22.68 11.18
CA VAL D 123 11.94 -23.79 11.28
C VAL D 123 12.19 -24.09 12.77
N GLN D 124 12.00 -25.37 13.16
CA GLN D 124 12.10 -25.84 14.57
C GLN D 124 13.51 -26.41 14.82
N GLY D 133 4.67 -25.31 24.19
CA GLY D 133 4.01 -26.59 24.44
C GLY D 133 2.85 -26.83 23.50
N LYS D 134 2.53 -25.84 22.64
CA LYS D 134 1.30 -25.89 21.83
C LYS D 134 1.56 -26.56 20.47
N THR D 135 0.59 -27.32 20.02
CA THR D 135 0.63 -27.94 18.70
C THR D 135 0.41 -26.83 17.68
N VAL D 136 0.86 -27.08 16.46
CA VAL D 136 0.67 -26.06 15.40
C VAL D 136 -0.84 -25.79 15.15
N GLU D 137 -1.74 -26.78 15.21
N GLU D 137 -1.70 -26.83 15.24
CA GLU D 137 -3.15 -26.42 14.94
CA GLU D 137 -3.15 -26.70 15.08
C GLU D 137 -3.73 -25.59 16.10
C GLU D 137 -3.69 -25.66 16.09
N THR D 138 -3.23 -25.76 17.34
CA THR D 138 -3.64 -24.81 18.41
C THR D 138 -3.15 -23.38 18.09
N GLN D 139 -1.88 -23.25 17.67
CA GLN D 139 -1.35 -21.90 17.34
C GLN D 139 -2.19 -21.25 16.22
N VAL D 140 -2.50 -22.03 15.21
CA VAL D 140 -3.36 -21.51 14.11
C VAL D 140 -4.72 -21.07 14.71
N ALA D 141 -5.32 -21.94 15.55
CA ALA D 141 -6.64 -21.64 16.09
C ALA D 141 -6.62 -20.39 16.96
N GLU D 142 -5.57 -20.20 17.76
CA GLU D 142 -5.51 -19.03 18.66
C GLU D 142 -5.16 -17.75 17.90
N LEU D 143 -4.13 -17.80 17.05
CA LEU D 143 -3.63 -16.55 16.41
C LEU D 143 -4.54 -16.15 15.26
N ILE D 144 -5.00 -17.09 14.44
CA ILE D 144 -5.93 -16.73 13.34
C ILE D 144 -7.34 -16.55 13.91
N GLY D 145 -7.70 -17.37 14.89
CA GLY D 145 -9.05 -17.18 15.51
C GLY D 145 -9.23 -15.81 16.16
N THR D 146 -8.36 -15.44 17.09
CA THR D 146 -8.57 -14.17 17.84
C THR D 146 -8.38 -12.95 16.94
N ASN D 147 -7.39 -13.00 16.01
CA ASN D 147 -7.05 -11.78 15.29
C ASN D 147 -7.94 -11.59 14.06
N ALA D 148 -8.57 -12.67 13.58
CA ALA D 148 -9.29 -12.56 12.27
C ALA D 148 -10.64 -13.26 12.29
N ILE D 149 -10.71 -14.53 12.67
CA ILE D 149 -11.99 -15.26 12.51
CA ILE D 149 -11.97 -15.26 12.50
C ILE D 149 -13.04 -14.76 13.51
N ALA D 150 -12.64 -14.52 14.73
CA ALA D 150 -13.57 -13.96 15.75
C ALA D 150 -14.05 -12.57 15.29
N PRO D 151 -13.15 -11.71 14.82
CA PRO D 151 -13.69 -10.46 14.31
C PRO D 151 -14.73 -10.63 13.18
N PHE D 152 -14.50 -11.59 12.27
CA PHE D 152 -15.45 -11.81 11.17
C PHE D 152 -16.79 -12.27 11.71
N LEU D 153 -16.76 -13.23 12.63
CA LEU D 153 -18.03 -13.80 13.16
C LEU D 153 -18.77 -12.75 14.02
N LEU D 154 -18.01 -11.99 14.78
CA LEU D 154 -18.59 -10.83 15.54
C LEU D 154 -19.21 -9.79 14.62
N THR D 155 -18.53 -9.49 13.50
CA THR D 155 -19.07 -8.63 12.46
C THR D 155 -20.39 -9.18 11.89
N MET D 156 -20.41 -10.47 11.52
CA MET D 156 -21.61 -11.16 11.02
CA MET D 156 -21.62 -11.11 11.00
C MET D 156 -22.78 -10.99 12.02
N SER D 157 -22.50 -11.34 13.29
CA SER D 157 -23.53 -11.32 14.33
C SER D 157 -24.01 -9.89 14.57
N PHE D 158 -23.06 -8.94 14.63
CA PHE D 158 -23.42 -7.51 14.78
C PHE D 158 -24.38 -7.06 13.65
N ALA D 159 -24.02 -7.37 12.40
CA ALA D 159 -24.78 -6.88 11.26
C ALA D 159 -26.18 -7.52 11.23
N GLN D 160 -26.21 -8.80 11.51
CA GLN D 160 -27.45 -9.58 11.39
C GLN D 160 -28.47 -9.04 12.40
N ARG D 161 -28.02 -8.65 13.60
CA ARG D 161 -28.92 -8.19 14.67
C ARG D 161 -29.44 -6.77 14.37
N GLN D 162 -28.84 -6.03 13.44
CA GLN D 162 -29.32 -4.67 13.16
C GLN D 162 -30.56 -4.72 12.26
N SER D 172 -29.08 6.49 13.28
CA SER D 172 -28.09 6.44 14.36
C SER D 172 -26.69 6.30 13.74
N ASN D 173 -25.71 5.84 14.50
CA ASN D 173 -24.31 5.91 14.02
C ASN D 173 -23.65 4.57 14.37
N LEU D 174 -23.92 3.59 13.53
CA LEU D 174 -23.43 2.22 13.78
C LEU D 174 -22.01 2.10 13.19
N SER D 175 -21.11 1.48 13.93
CA SER D 175 -19.74 1.25 13.32
C SER D 175 -18.95 0.19 14.07
N ILE D 176 -17.95 -0.31 13.35
CA ILE D 176 -17.07 -1.34 13.87
C ILE D 176 -15.66 -0.76 13.76
N VAL D 177 -14.86 -0.96 14.77
CA VAL D 177 -13.40 -0.54 14.74
C VAL D 177 -12.57 -1.78 15.04
N ASN D 178 -11.68 -2.13 14.10
CA ASN D 178 -10.76 -3.29 14.25
C ASN D 178 -9.37 -2.81 14.67
N LEU D 179 -8.78 -3.39 15.72
CA LEU D 179 -7.38 -3.05 16.13
C LEU D 179 -6.42 -3.85 15.26
N CYS D 180 -5.74 -3.09 14.42
CA CYS D 180 -4.89 -3.63 13.37
C CYS D 180 -3.44 -3.49 13.88
N ASP D 181 -2.43 -3.45 12.99
CA ASP D 181 -1.05 -3.31 13.44
C ASP D 181 -0.31 -2.50 12.37
N ALA D 182 0.27 -1.37 12.77
CA ALA D 182 0.93 -0.50 11.80
C ALA D 182 2.15 -1.17 11.13
N MET D 183 2.69 -2.21 11.77
CA MET D 183 3.92 -2.85 11.27
C MET D 183 3.59 -4.12 10.46
N VAL D 184 2.40 -4.21 9.90
CA VAL D 184 1.97 -5.47 9.22
C VAL D 184 2.83 -5.75 7.97
N ASP D 185 3.38 -4.70 7.36
CA ASP D 185 4.26 -4.92 6.22
C ASP D 185 5.74 -4.89 6.55
N GLN D 186 6.08 -4.74 7.83
CA GLN D 186 7.45 -4.81 8.28
C GLN D 186 7.44 -5.66 9.54
N PRO D 187 7.21 -6.95 9.36
CA PRO D 187 6.82 -7.72 10.53
C PRO D 187 7.98 -8.17 11.43
N CYS D 188 7.63 -8.51 12.66
CA CYS D 188 8.63 -9.13 13.56
C CYS D 188 9.02 -10.53 13.07
N MET D 189 10.31 -10.82 13.16
CA MET D 189 10.89 -12.11 12.80
C MET D 189 10.15 -13.23 13.56
N ALA D 190 9.74 -14.30 12.85
CA ALA D 190 9.14 -15.51 13.47
C ALA D 190 7.71 -15.29 13.99
N PHE D 191 7.03 -14.24 13.55
CA PHE D 191 5.60 -14.03 13.88
C PHE D 191 4.68 -14.23 12.67
N SER D 192 4.94 -15.27 11.84
CA SER D 192 4.13 -15.38 10.58
CA SER D 192 4.14 -15.48 10.60
C SER D 192 2.64 -15.55 10.89
N LEU D 193 2.25 -16.39 11.88
CA LEU D 193 0.80 -16.61 12.07
C LEU D 193 0.12 -15.34 12.59
N TYR D 194 0.73 -14.65 13.54
CA TYR D 194 0.20 -13.36 14.01
C TYR D 194 0.05 -12.40 12.81
N ASN D 195 1.08 -12.29 11.99
CA ASN D 195 1.04 -11.30 10.91
C ASN D 195 -0.03 -11.68 9.87
N MET D 196 -0.15 -13.00 9.59
CA MET D 196 -1.22 -13.46 8.70
C MET D 196 -2.59 -13.03 9.28
N GLY D 197 -2.80 -13.22 10.59
CA GLY D 197 -4.06 -12.82 11.21
C GLY D 197 -4.36 -11.33 11.05
N LYS D 198 -3.35 -10.51 11.30
CA LYS D 198 -3.53 -9.05 11.19
C LYS D 198 -3.74 -8.64 9.72
N HIS D 199 -3.03 -9.30 8.80
CA HIS D 199 -3.32 -8.98 7.37
C HIS D 199 -4.76 -9.38 7.04
N ALA D 200 -5.22 -10.55 7.53
CA ALA D 200 -6.62 -10.93 7.27
C ALA D 200 -7.58 -9.90 7.88
N LEU D 201 -7.21 -9.29 9.00
CA LEU D 201 -8.12 -8.28 9.61
C LEU D 201 -8.21 -7.01 8.74
N VAL D 202 -7.13 -6.64 8.04
CA VAL D 202 -7.21 -5.54 7.04
C VAL D 202 -8.21 -5.92 5.96
N GLY D 203 -8.09 -7.16 5.45
CA GLY D 203 -9.04 -7.65 4.44
C GLY D 203 -10.47 -7.59 4.93
N LEU D 204 -10.71 -8.02 6.17
CA LEU D 204 -12.08 -7.94 6.71
C LEU D 204 -12.56 -6.49 6.83
N THR D 205 -11.69 -5.60 7.29
CA THR D 205 -12.08 -4.18 7.45
C THR D 205 -12.57 -3.65 6.08
N GLN D 206 -11.81 -3.94 5.02
CA GLN D 206 -12.18 -3.43 3.67
C GLN D 206 -13.44 -4.11 3.14
N SER D 207 -13.49 -5.46 3.18
CA SER D 207 -14.62 -6.20 2.65
C SER D 207 -15.89 -5.87 3.42
N ALA D 208 -15.84 -5.82 4.75
CA ALA D 208 -17.05 -5.49 5.51
C ALA D 208 -17.45 -4.01 5.31
N ALA D 209 -16.50 -3.08 5.18
CA ALA D 209 -16.89 -1.69 4.90
C ALA D 209 -17.72 -1.64 3.60
N LEU D 210 -17.22 -2.34 2.57
N LEU D 210 -17.23 -2.30 2.55
CA LEU D 210 -17.94 -2.35 1.26
CA LEU D 210 -17.98 -2.31 1.28
C LEU D 210 -19.34 -2.96 1.40
C LEU D 210 -19.38 -2.91 1.50
N GLU D 211 -19.42 -4.11 2.07
CA GLU D 211 -20.68 -4.88 2.12
C GLU D 211 -21.74 -4.28 3.07
N LEU D 212 -21.31 -3.64 4.17
CA LEU D 212 -22.22 -3.12 5.17
C LEU D 212 -22.56 -1.65 4.96
N ALA D 213 -21.87 -0.97 4.03
CA ALA D 213 -22.18 0.48 3.76
C ALA D 213 -23.68 0.66 3.44
N PRO D 214 -24.27 -0.20 2.60
CA PRO D 214 -25.72 -0.05 2.32
C PRO D 214 -26.60 -0.14 3.58
N TYR D 215 -26.10 -0.68 4.71
CA TYR D 215 -26.91 -0.73 5.95
C TYR D 215 -26.53 0.42 6.91
N GLY D 216 -25.64 1.31 6.49
CA GLY D 216 -25.24 2.44 7.32
C GLY D 216 -24.24 2.02 8.40
N ILE D 217 -23.61 0.84 8.26
CA ILE D 217 -22.62 0.44 9.25
C ILE D 217 -21.24 0.78 8.64
N ARG D 218 -20.46 1.61 9.34
CA ARG D 218 -19.06 1.93 8.87
C ARG D 218 -18.10 0.93 9.54
N VAL D 219 -17.03 0.59 8.81
CA VAL D 219 -16.04 -0.35 9.38
C VAL D 219 -14.65 0.25 9.14
N ASN D 220 -13.90 0.46 10.23
CA ASN D 220 -12.60 1.11 10.11
C ASN D 220 -11.62 0.41 11.04
N GLY D 221 -10.35 0.83 10.96
CA GLY D 221 -9.30 0.25 11.82
C GLY D 221 -8.46 1.34 12.47
N VAL D 222 -7.86 0.96 13.59
CA VAL D 222 -6.81 1.71 14.27
C VAL D 222 -5.60 0.78 14.39
N ALA D 223 -4.44 1.29 13.94
CA ALA D 223 -3.23 0.45 13.79
C ALA D 223 -2.10 1.04 14.68
N PRO D 224 -1.97 0.55 15.91
CA PRO D 224 -0.82 0.96 16.79
C PRO D 224 0.50 0.48 16.18
N GLY D 225 1.60 1.19 16.54
CA GLY D 225 2.93 0.67 16.27
C GLY D 225 3.44 -0.04 17.52
N VAL D 226 4.16 0.69 18.35
CA VAL D 226 4.45 0.25 19.72
CA VAL D 226 4.33 0.17 19.70
C VAL D 226 3.54 1.05 20.67
N SER D 227 2.73 0.37 21.46
CA SER D 227 1.93 0.96 22.49
C SER D 227 2.36 0.21 23.75
N LEU D 228 1.44 -0.14 24.63
CA LEU D 228 1.87 -0.79 25.89
C LEU D 228 2.60 -2.09 25.56
N LEU D 229 3.84 -2.19 26.02
CA LEU D 229 4.63 -3.33 25.61
C LEU D 229 4.22 -4.56 26.42
N PRO D 230 4.43 -5.75 25.87
CA PRO D 230 4.05 -7.01 26.54
C PRO D 230 4.65 -7.09 27.95
N VAL D 231 3.81 -7.54 28.89
CA VAL D 231 4.21 -7.67 30.30
C VAL D 231 5.45 -8.57 30.45
N ALA D 232 5.55 -9.62 29.61
CA ALA D 232 6.66 -10.59 29.70
C ALA D 232 7.98 -9.99 29.20
N MET D 233 7.96 -8.86 28.51
CA MET D 233 9.20 -8.33 27.91
C MET D 233 10.06 -7.61 28.97
N GLY D 234 11.37 -7.88 29.01
CA GLY D 234 12.28 -7.19 29.95
C GLY D 234 12.48 -5.71 29.62
N GLU D 235 12.97 -4.94 30.60
CA GLU D 235 13.07 -3.46 30.49
CA GLU D 235 13.01 -3.47 30.45
C GLU D 235 14.02 -3.06 29.36
N GLU D 236 15.11 -3.81 29.18
CA GLU D 236 16.11 -3.39 28.16
C GLU D 236 15.52 -3.55 26.75
N GLU D 237 14.74 -4.61 26.54
CA GLU D 237 14.09 -4.84 25.28
C GLU D 237 13.02 -3.76 25.03
N LYS D 238 12.23 -3.41 26.08
CA LYS D 238 11.22 -2.33 25.96
C LYS D 238 11.90 -1.03 25.48
N ASP D 239 13.05 -0.72 26.05
CA ASP D 239 13.72 0.53 25.72
C ASP D 239 14.30 0.52 24.32
N LYS D 240 14.71 -0.67 23.87
CA LYS D 240 15.15 -0.87 22.47
C LYS D 240 14.02 -0.42 21.52
N TRP D 241 12.80 -0.86 21.80
CA TRP D 241 11.64 -0.49 20.98
C TRP D 241 11.32 1.00 21.08
N ARG D 242 11.37 1.53 22.29
CA ARG D 242 11.04 2.94 22.49
C ARG D 242 11.98 3.82 21.65
N ARG D 243 13.25 3.47 21.59
CA ARG D 243 14.23 4.31 20.92
C ARG D 243 14.04 4.35 19.40
N LYS D 244 13.24 3.45 18.87
CA LYS D 244 12.99 3.39 17.39
C LYS D 244 11.95 4.45 16.96
N VAL D 245 11.16 4.96 17.92
CA VAL D 245 9.96 5.77 17.58
C VAL D 245 10.38 7.23 17.32
N PRO D 246 10.18 7.76 16.08
CA PRO D 246 10.61 9.14 15.80
C PRO D 246 9.96 10.18 16.71
N LEU D 247 8.66 10.04 16.93
CA LEU D 247 7.88 11.10 17.67
C LEU D 247 7.94 10.80 19.16
N GLY D 248 9.02 11.26 19.81
CA GLY D 248 9.12 11.21 21.27
C GLY D 248 9.98 10.07 21.80
N ARG D 249 10.40 9.10 20.96
CA ARG D 249 11.15 7.95 21.44
C ARG D 249 10.43 7.30 22.63
N ARG D 250 9.14 7.08 22.48
CA ARG D 250 8.37 6.43 23.51
C ARG D 250 7.19 5.74 22.82
N GLU D 251 6.65 4.73 23.50
CA GLU D 251 5.46 3.98 23.07
C GLU D 251 4.20 4.84 23.21
N ALA D 252 3.14 4.53 22.45
CA ALA D 252 1.84 5.15 22.65
C ALA D 252 1.26 4.73 24.02
N SER D 253 0.64 5.68 24.70
CA SER D 253 -0.25 5.27 25.84
C SER D 253 -1.49 4.53 25.30
N ALA D 254 -2.10 3.70 26.15
CA ALA D 254 -3.38 3.10 25.77
C ALA D 254 -4.39 4.19 25.45
N GLU D 255 -4.35 5.31 26.20
CA GLU D 255 -5.35 6.37 25.95
C GLU D 255 -5.18 7.02 24.57
N GLN D 256 -3.95 7.10 24.09
CA GLN D 256 -3.74 7.68 22.75
C GLN D 256 -4.31 6.75 21.66
N ILE D 257 -4.22 5.45 21.86
CA ILE D 257 -4.87 4.51 20.88
C ILE D 257 -6.38 4.69 21.01
N ALA D 258 -6.90 4.72 22.26
CA ALA D 258 -8.37 4.87 22.44
C ALA D 258 -8.89 6.15 21.78
N ASP D 259 -8.10 7.21 21.78
CA ASP D 259 -8.55 8.49 21.18
C ASP D 259 -8.91 8.32 19.70
N ALA D 260 -8.14 7.48 18.97
CA ALA D 260 -8.43 7.30 17.54
C ALA D 260 -9.70 6.46 17.37
N VAL D 261 -9.93 5.49 18.27
CA VAL D 261 -11.16 4.70 18.27
C VAL D 261 -12.37 5.63 18.48
N ILE D 262 -12.26 6.53 19.46
CA ILE D 262 -13.34 7.48 19.75
C ILE D 262 -13.65 8.37 18.51
N PHE D 263 -12.62 8.88 17.83
CA PHE D 263 -12.85 9.62 16.63
C PHE D 263 -13.66 8.79 15.64
N LEU D 264 -13.23 7.53 15.38
CA LEU D 264 -13.86 6.78 14.29
C LEU D 264 -15.31 6.40 14.59
N VAL D 265 -15.67 6.29 15.87
CA VAL D 265 -17.11 5.96 16.15
C VAL D 265 -17.96 7.22 16.24
N SER D 266 -17.31 8.40 16.27
CA SER D 266 -17.98 9.72 16.55
C SER D 266 -18.76 10.22 15.32
N GLY D 267 -19.63 11.23 15.48
CA GLY D 267 -20.26 11.86 14.33
C GLY D 267 -19.29 12.67 13.44
N SER D 268 -18.05 12.88 13.88
CA SER D 268 -17.00 13.59 13.10
C SER D 268 -16.37 12.65 12.06
N ALA D 269 -16.81 11.39 12.04
CA ALA D 269 -16.23 10.36 11.12
C ALA D 269 -17.32 9.72 10.26
N GLN D 270 -18.47 10.41 10.05
CA GLN D 270 -19.64 9.74 9.46
CA GLN D 270 -19.69 9.88 9.43
C GLN D 270 -19.49 9.49 7.94
N TYR D 271 -18.46 10.04 7.28
CA TYR D 271 -18.20 9.69 5.88
C TYR D 271 -17.00 8.74 5.76
N ILE D 272 -16.45 8.31 6.90
CA ILE D 272 -15.22 7.48 6.88
C ILE D 272 -15.60 6.01 7.01
N THR D 273 -15.23 5.24 5.99
CA THR D 273 -15.41 3.77 6.10
C THR D 273 -14.32 3.10 5.26
N GLY D 274 -13.84 1.98 5.76
CA GLY D 274 -12.73 1.24 5.08
C GLY D 274 -11.37 1.89 5.31
N SER D 275 -11.25 2.80 6.27
CA SER D 275 -9.96 3.51 6.56
C SER D 275 -9.29 2.88 7.79
N ILE D 276 -7.96 2.78 7.72
CA ILE D 276 -7.18 2.35 8.89
C ILE D 276 -6.26 3.50 9.28
N ILE D 277 -6.40 3.97 10.52
CA ILE D 277 -5.61 5.10 11.01
C ILE D 277 -4.40 4.56 11.76
N LYS D 278 -3.19 4.80 11.27
CA LYS D 278 -1.97 4.44 12.03
C LYS D 278 -1.84 5.42 13.19
N VAL D 279 -1.51 4.86 14.36
CA VAL D 279 -1.25 5.68 15.55
C VAL D 279 0.12 5.17 16.04
N ASP D 280 1.20 5.52 15.33
CA ASP D 280 2.48 4.89 15.66
C ASP D 280 3.66 5.79 15.92
N GLY D 281 3.44 7.06 15.93
CA GLY D 281 4.60 8.01 16.15
C GLY D 281 5.63 7.98 15.03
N GLY D 282 5.20 7.53 13.82
CA GLY D 282 6.13 7.51 12.67
C GLY D 282 6.92 6.21 12.56
N LEU D 283 6.68 5.22 13.46
CA LEU D 283 7.57 4.02 13.53
C LEU D 283 7.63 3.31 12.17
N SER D 284 6.52 3.22 11.47
CA SER D 284 6.43 2.44 10.22
C SER D 284 7.17 3.17 9.10
N LEU D 285 7.52 4.43 9.30
CA LEU D 285 8.24 5.18 8.23
C LEU D 285 9.75 4.95 8.33
N VAL D 286 10.21 4.27 9.38
CA VAL D 286 11.65 4.20 9.67
C VAL D 286 12.26 3.00 8.93
N HIS D 287 13.27 3.23 8.10
CA HIS D 287 13.98 2.10 7.42
C HIS D 287 14.86 1.29 8.39
N ALA D 288 15.30 0.11 7.91
CA ALA D 288 16.17 -0.81 8.70
C ALA D 288 17.46 -0.09 9.11
PA NAP E . 23.15 7.07 -10.59
O1A NAP E . 24.48 6.38 -10.94
O2A NAP E . 22.94 7.79 -9.29
O5B NAP E . 22.61 8.01 -11.79
C5B NAP E . 22.54 7.45 -13.09
C4B NAP E . 22.75 8.57 -14.08
O4B NAP E . 21.75 9.59 -13.95
C3B NAP E . 24.06 9.37 -13.92
O3B NAP E . 25.16 8.58 -14.46
C2B NAP E . 23.76 10.63 -14.71
O2B NAP E . 24.35 10.63 -16.08
C1B NAP E . 22.18 10.66 -14.77
N9A NAP E . 21.78 11.97 -14.27
C8A NAP E . 21.95 12.56 -13.03
N7A NAP E . 21.52 13.86 -13.11
C5A NAP E . 21.10 14.08 -14.41
C6A NAP E . 20.60 15.25 -15.23
N6A NAP E . 20.38 16.46 -14.60
N1A NAP E . 20.32 15.07 -16.56
C2A NAP E . 20.51 13.86 -17.17
N3A NAP E . 21.00 12.74 -16.52
C4A NAP E . 21.29 12.84 -15.18
O3 NAP E . 22.02 5.88 -10.73
PN NAP E . 22.20 4.32 -10.29
O1N NAP E . 22.76 3.56 -11.48
O2N NAP E . 22.86 4.21 -8.97
O5D NAP E . 20.62 3.89 -10.17
C5D NAP E . 19.85 3.70 -11.39
C4D NAP E . 18.35 3.96 -11.04
O4D NAP E . 18.00 3.09 -9.96
C3D NAP E . 18.07 5.41 -10.54
O3D NAP E . 16.80 5.82 -11.05
C2D NAP E . 18.02 5.26 -9.03
O2D NAP E . 17.27 6.27 -8.33
C1D NAP E . 17.45 3.84 -8.87
N1N NAP E . 17.90 3.28 -7.61
C2N NAP E . 19.22 2.94 -7.41
C3N NAP E . 19.60 2.41 -6.20
C7N NAP E . 21.03 2.05 -5.93
O7N NAP E . 21.31 1.38 -4.93
N7N NAP E . 21.97 2.50 -6.81
C4N NAP E . 18.67 2.23 -5.14
C5N NAP E . 17.33 2.62 -5.37
C6N NAP E . 16.97 3.16 -6.61
P2B NAP E . 25.86 11.20 -16.41
O1X NAP E . 25.86 10.97 -17.89
O2X NAP E . 26.78 10.38 -15.53
O3X NAP E . 25.86 12.68 -16.02
CAG EUK F . 21.52 4.85 -4.40
CAG EUK F . 21.36 4.93 -4.31
CAD EUK F . 20.95 5.63 -5.32
CAD EUK F . 20.91 5.71 -5.29
SAC EUK F . 21.62 6.28 -6.74
SAC EUK F . 21.78 6.42 -6.64
CAB EUK F . 20.17 7.08 -7.19
CAB EUK F . 20.34 7.22 -7.24
NAA EUK F . 19.99 7.85 -8.27
NAA EUK F . 20.29 8.01 -8.34
NAF EUK F . 19.25 6.81 -6.26
NAF EUK F . 19.32 6.92 -6.43
CAE EUK F . 19.65 6.02 -5.23
CAE EUK F . 19.59 6.11 -5.36
CAJ EUK F . 18.93 5.61 -4.16
CAJ EUK F . 18.75 5.67 -4.40
CAI EUK F . 19.48 4.79 -3.15
CAI EUK F . 19.16 4.85 -3.34
CAH EUK F . 20.81 4.41 -3.30
CAH EUK F . 20.51 4.46 -3.31
SAK EUK F . 21.70 3.33 -2.17
SAK EUK F . 21.20 3.33 -2.07
CAL EUK F . 21.21 3.85 -0.48
CAL EUK F . 20.64 3.91 -0.41
CAM EUK F . 21.69 5.06 0.03
CAM EUK F . 21.32 5.01 0.07
CAN EUK F . 22.76 5.83 -0.49
CAN EUK F . 20.91 5.64 1.25
CAO EUK F . 23.12 7.03 0.14
CAO EUK F . 21.56 6.76 1.76
CLS EUK F . 24.47 8.12 -0.45
CLS EUK F . 20.97 7.50 3.30
CAP EUK F . 22.43 7.46 1.27
CAP EUK F . 22.67 7.27 1.07
CLT EUK F . 22.87 8.95 2.07
CLT EUK F . 23.60 8.74 1.63
CAQ EUK F . 21.39 6.70 1.78
CAQ EUK F . 23.07 6.65 -0.11
CAR EUK F . 21.03 5.51 1.17
CAR EUK F . 22.43 5.52 -0.61
C1 GOL G . 26.98 -7.21 -5.42
O1 GOL G . 26.76 -7.62 -4.05
C2 GOL G . 28.44 -6.79 -5.53
O2 GOL G . 29.28 -7.85 -5.01
C3 GOL G . 28.84 -6.51 -6.97
O3 GOL G . 27.85 -5.68 -7.63
PA NAP H . -9.35 -22.77 -9.35
O1A NAP H . -9.49 -23.45 -10.68
O2A NAP H . -10.41 -21.98 -8.67
O5B NAP H . -8.77 -23.74 -8.19
C5B NAP H . -7.56 -24.46 -8.41
C4B NAP H . -7.62 -25.82 -7.72
O4B NAP H . -7.67 -25.57 -6.32
C3B NAP H . -8.88 -26.65 -8.01
O3B NAP H . -8.68 -27.35 -9.27
C2B NAP H . -8.87 -27.60 -6.80
O2B NAP H . -8.29 -28.91 -7.10
C1B NAP H . -7.94 -26.85 -5.78
N9A NAP H . -8.69 -26.75 -4.50
C8A NAP H . -9.90 -26.15 -4.27
N7A NAP H . -10.34 -26.47 -3.04
C5A NAP H . -9.39 -27.33 -2.48
C6A NAP H . -9.21 -28.08 -1.17
N6A NAP H . -10.16 -27.99 -0.20
N1A NAP H . -8.14 -28.86 -1.06
C2A NAP H . -7.20 -28.99 -2.03
N3A NAP H . -7.22 -28.35 -3.25
C4A NAP H . -8.33 -27.55 -3.49
O3 NAP H . -8.00 -21.81 -9.44
PN NAP H . -7.49 -20.97 -10.76
O1N NAP H . -6.75 -21.88 -11.64
O2N NAP H . -8.66 -20.21 -11.40
O5D NAP H . -6.48 -19.91 -10.04
C5D NAP H . -5.17 -20.33 -9.56
C4D NAP H . -4.73 -19.40 -8.43
O4D NAP H . -4.80 -18.01 -8.90
C3D NAP H . -5.68 -19.44 -7.21
O3D NAP H . -4.91 -19.27 -6.00
C2D NAP H . -6.60 -18.22 -7.35
O2D NAP H . -7.11 -17.63 -6.13
C1D NAP H . -5.64 -17.22 -8.04
N1N NAP H . -6.42 -16.26 -8.87
C2N NAP H . -7.06 -16.67 -9.99
C3N NAP H . -7.81 -15.76 -10.77
C7N NAP H . -8.50 -16.20 -12.00
O7N NAP H . -8.99 -15.29 -12.68
N7N NAP H . -8.60 -17.50 -12.35
C4N NAP H . -7.94 -14.42 -10.36
C5N NAP H . -7.27 -14.05 -9.18
C6N NAP H . -6.52 -14.96 -8.42
P2B NAP H . -9.13 -30.21 -7.60
O1X NAP H . -8.04 -31.26 -7.74
O2X NAP H . -9.69 -29.77 -8.89
O3X NAP H . -10.19 -30.46 -6.53
CAG EUK I . -11.23 -16.23 -10.17
CAD EUK I . -10.77 -17.00 -9.20
SAC EUK I . -10.75 -18.69 -9.15
CAB EUK I . -10.00 -18.71 -7.57
NAA EUK I . -9.65 -19.83 -6.90
NAF EUK I . -9.79 -17.43 -7.19
CAE EUK I . -10.21 -16.48 -8.04
CAJ EUK I . -10.15 -15.13 -7.87
CAI EUK I . -10.63 -14.27 -8.86
CAH EUK I . -11.17 -14.83 -10.03
SAK EUK I . -11.81 -13.87 -11.52
CAL EUK I . -12.90 -12.55 -10.84
CAM EUK I . -14.18 -12.92 -10.43
CAN EUK I . -14.82 -14.12 -10.83
CAO EUK I . -16.12 -14.39 -10.33
CLS EUK I . -17.05 -15.89 -10.73
CAP EUK I . -16.76 -13.50 -9.47
CLT EUK I . -18.37 -13.91 -8.87
CAQ EUK I . -16.13 -12.33 -9.09
CAR EUK I . -14.84 -12.06 -9.56
C ACT J . -3.71 -41.49 -7.67
O ACT J . -2.71 -42.23 -7.94
OXT ACT J . -3.56 -40.57 -6.80
CH3 ACT J . -5.04 -41.70 -8.31
C ACT K . -21.51 -20.15 -22.08
O ACT K . -20.82 -20.89 -22.83
OXT ACT K . -21.74 -18.97 -22.40
CH3 ACT K . -22.10 -20.66 -20.78
C1 GOL L . 3.82 -31.00 -22.17
O1 GOL L . 3.12 -31.61 -23.26
C2 GOL L . 5.32 -30.96 -22.44
O2 GOL L . 5.51 -30.02 -23.49
C3 GOL L . 6.06 -30.53 -21.17
O3 GOL L . 7.48 -30.82 -21.08
C1 GOL M . -8.98 -17.69 -23.66
O1 GOL M . -8.09 -18.61 -24.34
C2 GOL M . -8.14 -16.94 -22.64
O2 GOL M . -7.41 -17.92 -21.89
C3 GOL M . -7.13 -15.99 -23.27
O3 GOL M . -7.63 -14.65 -23.12
PA NAP N . -10.35 23.52 -5.37
O1A NAP N . -11.65 24.27 -5.15
O2A NAP N . -10.10 22.82 -6.69
O5B NAP N . -9.08 24.50 -5.14
C5B NAP N . -8.92 25.12 -3.87
C4B NAP N . -8.21 26.47 -4.04
O4B NAP N . -6.91 26.24 -4.52
C3B NAP N . -8.80 27.36 -5.17
O3B NAP N . -9.97 28.03 -4.70
C2B NAP N . -7.63 28.32 -5.48
O2B NAP N . -7.73 29.56 -4.75
C1B NAP N . -6.41 27.50 -4.93
N9A NAP N . -5.48 27.41 -6.07
C8A NAP N . -5.63 26.79 -7.30
N7A NAP N . -4.53 27.06 -8.09
C5A NAP N . -3.71 27.90 -7.36
C6A NAP N . -2.41 28.60 -7.59
N6A NAP N . -1.79 28.45 -8.79
N1A NAP N . -1.93 29.38 -6.59
C2A NAP N . -2.56 29.52 -5.39
N3A NAP N . -3.76 28.91 -5.08
C4A NAP N . -4.36 28.15 -6.04
O3 NAP N . -10.17 22.49 -4.14
PN NAP N . -11.29 21.68 -3.31
O1N NAP N . -12.30 21.04 -4.26
O2N NAP N . -11.80 22.61 -2.23
O5D NAP N . -10.31 20.54 -2.65
C5D NAP N . -9.45 20.90 -1.54
C4D NAP N . -8.32 19.89 -1.49
O4D NAP N . -8.87 18.52 -1.43
C3D NAP N . -7.43 19.94 -2.73
O3D NAP N . -6.09 19.71 -2.34
C2D NAP N . -7.88 18.76 -3.61
O2D NAP N . -6.89 18.15 -4.50
C1D NAP N . -8.30 17.74 -2.51
N1N NAP N . -9.38 16.89 -3.04
C2N NAP N . -10.62 17.38 -3.24
C3N NAP N . -11.64 16.57 -3.76
C7N NAP N . -13.02 17.07 -4.03
O7N NAP N . -13.85 16.22 -4.26
N7N NAP N . -13.34 18.40 -4.03
C4N NAP N . -11.32 15.24 -4.05
C5N NAP N . -10.02 14.77 -3.82
C6N NAP N . -9.04 15.58 -3.31
P2B NAP N . -8.26 30.98 -5.38
O1X NAP N . -9.71 30.54 -5.57
O2X NAP N . -8.01 31.97 -4.26
O3X NAP N . -7.54 31.26 -6.66
CAG EUK O . -12.17 17.30 -7.22
CAG EUK O . -12.10 17.01 -7.24
CAD EUK O . -11.02 17.97 -7.06
CAD EUK O . -11.02 17.78 -7.07
SAC EUK O . -10.74 19.70 -6.92
SAC EUK O . -10.92 19.48 -6.95
CAB EUK O . -9.03 19.48 -6.74
CAB EUK O . -9.17 19.42 -6.76
NAA EUK O . -8.14 20.48 -6.59
NAA EUK O . -8.35 20.48 -6.62
NAF EUK O . -8.74 18.17 -6.80
NAF EUK O . -8.78 18.14 -6.82
CAE EUK O . -9.81 17.33 -6.98
CAE EUK O . -9.77 17.24 -6.99
CAJ EUK O . -9.79 15.98 -7.09
CAJ EUK O . -9.65 15.89 -7.09
CAI EUK O . -10.95 15.23 -7.26
CAI EUK O . -10.73 15.04 -7.27
CAH EUK O . -12.17 15.91 -7.32
CAH EUK O . -11.99 15.62 -7.34
SAK EUK O . -13.80 15.01 -7.54
SAK EUK O . -13.54 14.60 -7.55
CAL EUK O . -13.41 13.64 -8.70
CAL EUK O . -13.15 13.41 -8.88
CAM EUK O . -13.43 13.95 -10.08
CAM EUK O . -13.15 13.98 -10.17
CAN EUK O . -13.59 15.24 -10.58
CAN EUK O . -12.77 13.21 -11.27
CAO EUK O . -13.58 15.45 -11.97
CAO EUK O . -12.76 13.78 -12.54
CLS EUK O . -13.78 17.13 -12.59
CLS EUK O . -12.28 12.86 -13.97
CAP EUK O . -13.43 14.37 -12.84
CAP EUK O . -13.14 15.11 -12.71
CLT EUK O . -13.40 14.50 -14.65
CLT EUK O . -13.12 15.81 -14.34
CAQ EUK O . -13.29 13.09 -12.31
CAQ EUK O . -13.52 15.85 -11.61
CAR EUK O . -13.29 12.89 -10.94
CAR EUK O . -13.53 15.30 -10.33
C1 GOL P . -3.18 41.33 1.49
O1 GOL P . -3.58 40.10 0.79
C2 GOL P . -2.18 41.00 2.62
O2 GOL P . -1.21 40.24 1.87
C3 GOL P . -1.62 42.22 3.44
O3 GOL P . -1.65 42.27 4.97
PA NAP Q . -3.06 -7.74 24.69
O1A NAP Q . -2.98 -7.15 26.09
O2A NAP Q . -1.94 -8.56 24.09
O5B NAP Q . -4.41 -8.58 24.46
C5B NAP Q . -5.71 -8.05 24.78
C4B NAP Q . -6.65 -9.12 25.34
O4B NAP Q . -6.90 -10.11 24.35
C3B NAP Q . -6.08 -9.97 26.48
O3B NAP Q . -6.09 -9.30 27.78
C2B NAP Q . -6.93 -11.27 26.41
O2B NAP Q . -8.01 -11.24 27.39
C1B NAP Q . -7.53 -11.20 24.95
N9A NAP Q . -7.24 -12.51 24.33
C8A NAP Q . -6.05 -13.12 24.07
N7A NAP Q . -6.30 -14.39 23.67
C5A NAP Q . -7.65 -14.58 23.68
C6A NAP Q . -8.60 -15.68 23.42
N6A NAP Q . -8.11 -16.87 23.02
N1A NAP Q . -9.91 -15.44 23.62
C2A NAP Q . -10.43 -14.26 24.03
N3A NAP Q . -9.61 -13.16 24.30
C4A NAP Q . -8.26 -13.34 24.18
O3 NAP Q . -3.51 -6.53 23.70
PN NAP Q . -3.01 -5.02 23.75
O1N NAP Q . -3.91 -4.31 24.73
O2N NAP Q . -1.52 -4.97 23.93
O5D NAP Q . -3.35 -4.44 22.24
C5D NAP Q . -4.72 -4.27 21.87
C4D NAP Q . -4.88 -4.49 20.34
O4D NAP Q . -3.94 -3.63 19.70
C3D NAP Q . -4.53 -5.93 19.89
O3D NAP Q . -5.45 -6.25 18.83
C2D NAP Q . -3.09 -5.78 19.36
O2D NAP Q . -2.72 -6.79 18.37
C1D NAP Q . -3.07 -4.37 18.82
N1N NAP Q . -1.69 -3.86 18.86
C2N NAP Q . -1.09 -3.56 20.06
C3N NAP Q . 0.22 -3.10 20.10
C7N NAP Q . 0.91 -2.82 21.39
O7N NAP Q . 2.00 -2.31 21.27
N7N NAP Q . 0.32 -3.21 22.58
C4N NAP Q . 0.92 -2.92 18.89
C5N NAP Q . 0.30 -3.24 17.67
C6N NAP Q . -1.02 -3.69 17.69
P2B NAP Q . -7.91 -11.83 28.95
O1X NAP Q . -9.31 -11.58 29.42
O2X NAP Q . -6.79 -11.06 29.56
O3X NAP Q . -7.61 -13.33 28.72
CAG EUK R . 2.46 -5.76 21.17
CAG EUK R . 2.43 -5.74 21.08
CAD EUK R . 1.37 -6.49 20.98
CAD EUK R . 1.32 -6.48 20.93
SAC EUK R . 0.32 -7.15 22.10
SAC EUK R . 0.24 -7.14 22.08
CAB EUK R . -0.75 -7.85 20.90
CAB EUK R . -0.78 -7.84 20.92
NAA EUK R . -1.86 -8.60 21.12
NAA EUK R . -1.88 -8.57 21.14
NAF EUK R . -0.25 -7.52 19.71
NAF EUK R . -0.29 -7.55 19.71
CAE EUK R . 0.90 -6.78 19.71
CAE EUK R . 0.85 -6.80 19.68
CAJ EUK R . 1.61 -6.32 18.66
CAJ EUK R . 1.55 -6.39 18.61
CAI EUK R . 2.78 -5.57 18.81
CAI EUK R . 2.71 -5.63 18.71
CAH EUK R . 3.21 -5.28 20.12
CAH EUK R . 3.16 -5.29 19.99
SAK EUK R . 4.65 -4.30 20.54
SAK EUK R . 4.64 -4.30 20.28
CAL EUK R . 6.02 -4.90 19.48
CAL EUK R . 5.88 -4.88 19.05
CAM EUK R . 6.68 -6.09 19.83
CAM EUK R . 6.57 -6.00 19.54
CAN EUK R . 6.44 -6.81 21.00
CAN EUK R . 7.49 -6.71 18.78
CAO EUK R . 7.14 -8.02 21.25
CAO EUK R . 8.15 -7.83 19.29
CLS EUK R . 6.87 -9.01 22.76
CLS EUK R . 9.33 -8.74 18.31
CAP EUK R . 8.09 -8.47 20.34
CAP EUK R . 7.87 -8.24 20.60
CLT EUK R . 8.96 -9.95 20.63
CLT EUK R . 8.65 -9.64 21.31
CAQ EUK R . 8.32 -7.75 19.18
CAQ EUK R . 6.96 -7.52 21.35
CAR EUK R . 7.62 -6.57 18.93
CAR EUK R . 6.30 -6.40 20.84
#